data_7LV3
#
_entry.id   7LV3
#
_cell.length_a   99.832
_cell.length_b   112.824
_cell.length_c   150.720
_cell.angle_alpha   90.000
_cell.angle_beta   90.000
_cell.angle_gamma   90.000
#
_symmetry.space_group_name_H-M   'P 21 21 21'
#
loop_
_entity.id
_entity.type
_entity.pdbx_description
1 polymer 'Isoform Beta of cGMP-dependent protein kinase 1'
2 non-polymer 'MANGANESE (II) ION'
3 non-polymer 'PHOSPHOAMINOPHOSPHONIC ACID-ADENYLATE ESTER'
4 non-polymer 1,2-ETHANEDIOL
5 water water
#
_entity_poly.entity_id   1
_entity_poly.type   'polypeptide(L)'
_entity_poly.pdbx_seq_one_letter_code
;GEPRTKRQAISAEPTAFDIQDLSHVTLPFYPKSPQSKDLIKEAILDNDFMKNLELSQIQEIVDCMYPVEYGKDSCIIKEG
DVGSLVYVMEDGKVEVTKEGVKLCTMGPGKVFGELAILYNCTRTATVKTLVNVKLWAIDRQCFQTIMMRTGLIKHTEYME
FLKSVPTFQSLPEEILSKLADVLEETHYENGEYIIRQGARGDTFFIISKGTVNVTREDSPSEDPVFLRTLGKGDWFGEKA
LQGEDVRTANVIAAEAVTCLVIDRDSFKHLIGGLDDVSNKAYEDAEAKAKYEAEAAFFANLKLSDFNIIDTLGVGGFGRV
ELVQLKSEESKTFAMKILKKRHIVDTRQQEHIRSEKQIMQGAHSDFIVRLYRTFKDSKYLYMLMEACLGGELWTILRDRG
SFEDSTTRFYTACVVEAFAYLHSKGIIYRDLKPENLILDHRGYAKLVDFGFAKKIGFGKKTW(TPO)FCGTPEYVAPEII
LNKGHDISADYWSLGILMYELLTGSPPFSGPDPMKTYNIILRGIDMIEFPKKIAKNAANLIKKLCRDNPSERLGNLKNGV
KDIQKHKWFEGFNWEGLRKGTLTPPIIPSVASPTDTSNFDSFPEDNDEPPPDDNSGWDIDF
;
_entity_poly.pdbx_strand_id   A,B
#
# COMPACT_ATOMS: atom_id res chain seq x y z
N ARG A 4 -10.62 1.10 51.58
CA ARG A 4 -10.13 0.75 50.25
C ARG A 4 -9.49 1.97 49.67
N THR A 5 -8.21 1.84 49.31
CA THR A 5 -7.45 2.97 48.79
C THR A 5 -6.74 2.56 47.51
N LYS A 6 -6.44 3.58 46.71
CA LYS A 6 -5.79 3.37 45.42
C LYS A 6 -4.50 2.60 45.59
N ARG A 7 -4.13 1.87 44.54
CA ARG A 7 -2.99 0.98 44.56
C ARG A 7 -1.81 1.68 43.92
N GLN A 8 -0.62 1.48 44.48
CA GLN A 8 0.55 2.17 43.97
C GLN A 8 1.25 1.33 42.92
N ALA A 9 1.53 1.95 41.78
CA ALA A 9 2.35 1.30 40.76
C ALA A 9 3.80 1.25 41.25
N ILE A 10 4.51 0.22 40.82
CA ILE A 10 5.91 0.04 41.19
C ILE A 10 6.69 -0.33 39.94
N SER A 11 8.00 -0.13 39.99
CA SER A 11 8.82 -0.41 38.82
C SER A 11 10.26 -0.67 39.24
N ALA A 12 10.89 -1.64 38.58
CA ALA A 12 12.32 -1.84 38.67
C ALA A 12 13.01 -0.91 37.68
N GLU A 13 14.34 -0.97 37.64
CA GLU A 13 15.09 -0.14 36.71
C GLU A 13 14.90 -0.67 35.29
N PRO A 14 14.71 0.22 34.31
CA PRO A 14 14.49 -0.22 32.92
C PRO A 14 15.68 -0.98 32.37
N THR A 15 15.46 -1.55 31.19
CA THR A 15 16.48 -2.34 30.50
C THR A 15 16.68 -1.82 29.09
N ALA A 16 17.95 -1.70 28.70
CA ALA A 16 18.36 -1.47 27.32
C ALA A 16 19.47 -2.47 27.01
N PHE A 17 19.07 -3.73 26.85
CA PHE A 17 19.99 -4.86 26.79
C PHE A 17 19.54 -5.77 25.66
N ASP A 18 20.43 -5.97 24.68
CA ASP A 18 20.09 -6.73 23.49
C ASP A 18 21.08 -7.87 23.27
N ILE A 19 20.95 -8.56 22.13
CA ILE A 19 21.76 -9.73 21.85
C ILE A 19 23.23 -9.36 21.71
N GLN A 20 23.52 -8.12 21.29
CA GLN A 20 24.90 -7.67 21.13
C GLN A 20 25.55 -7.30 22.46
N ASP A 21 24.80 -7.32 23.56
CA ASP A 21 25.34 -7.01 24.88
C ASP A 21 25.61 -8.24 25.73
N LEU A 22 25.19 -9.43 25.28
CA LEU A 22 25.44 -10.65 26.04
C LEU A 22 26.93 -10.86 26.29
N SER A 23 27.78 -10.52 25.32
CA SER A 23 29.21 -10.75 25.44
C SER A 23 29.91 -9.68 26.28
N HIS A 24 29.23 -8.60 26.64
CA HIS A 24 29.88 -7.49 27.32
C HIS A 24 29.36 -7.23 28.72
N VAL A 25 28.23 -7.82 29.13
CA VAL A 25 27.89 -7.84 30.54
C VAL A 25 28.87 -8.76 31.28
N THR A 26 28.90 -8.61 32.59
CA THR A 26 29.76 -9.45 33.42
C THR A 26 28.96 -10.02 34.56
N LEU A 27 28.95 -11.35 34.67
CA LEU A 27 28.35 -12.04 35.79
C LEU A 27 29.47 -12.51 36.72
N PRO A 28 29.63 -11.93 37.91
CA PRO A 28 30.73 -12.36 38.78
C PRO A 28 30.53 -13.79 39.25
N PHE A 29 31.65 -14.46 39.53
CA PHE A 29 31.64 -15.85 39.94
C PHE A 29 32.44 -15.96 41.23
N TYR A 30 31.81 -16.50 42.27
CA TYR A 30 32.46 -16.73 43.56
C TYR A 30 32.51 -18.22 43.83
N PRO A 31 33.69 -18.85 43.88
CA PRO A 31 33.77 -20.29 44.09
C PRO A 31 33.19 -20.70 45.43
N LYS A 32 32.59 -21.89 45.47
CA LYS A 32 31.93 -22.38 46.66
C LYS A 32 32.09 -23.89 46.80
N SER A 33 32.17 -24.36 48.03
CA SER A 33 32.07 -25.78 48.32
C SER A 33 30.81 -26.37 47.69
N PRO A 34 30.88 -27.62 47.21
CA PRO A 34 29.65 -28.31 46.81
C PRO A 34 28.59 -28.35 47.90
N GLN A 35 28.99 -28.45 49.17
CA GLN A 35 27.99 -28.48 50.24
C GLN A 35 27.31 -27.12 50.41
N SER A 36 28.05 -26.02 50.23
CA SER A 36 27.41 -24.71 50.28
C SER A 36 26.54 -24.46 49.04
N LYS A 37 26.86 -25.10 47.92
CA LYS A 37 26.07 -24.89 46.72
C LYS A 37 24.72 -25.61 46.82
N ASP A 38 24.69 -26.79 47.45
CA ASP A 38 23.42 -27.47 47.62
C ASP A 38 22.61 -26.87 48.76
N LEU A 39 23.27 -26.28 49.78
CA LEU A 39 22.53 -25.54 50.79
C LEU A 39 21.80 -24.37 50.15
N ILE A 40 22.47 -23.63 49.27
CA ILE A 40 21.83 -22.52 48.59
C ILE A 40 20.78 -23.04 47.62
N LYS A 41 21.09 -24.12 46.91
CA LYS A 41 20.14 -24.72 45.98
C LYS A 41 18.87 -25.16 46.71
N GLU A 42 19.04 -25.82 47.85
CA GLU A 42 17.87 -26.24 48.63
C GLU A 42 17.09 -25.05 49.17
N ALA A 43 17.81 -24.04 49.69
CA ALA A 43 17.14 -22.86 50.23
C ALA A 43 16.30 -22.17 49.16
N ILE A 44 16.85 -22.02 47.95
CA ILE A 44 16.11 -21.41 46.85
C ILE A 44 14.89 -22.24 46.50
N LEU A 45 15.06 -23.56 46.41
CA LEU A 45 13.93 -24.44 46.10
C LEU A 45 12.92 -24.51 47.23
N ASP A 46 13.25 -24.01 48.41
CA ASP A 46 12.31 -23.93 49.52
C ASP A 46 11.49 -22.64 49.52
N ASN A 47 11.96 -21.60 48.83
CA ASN A 47 11.27 -20.33 48.80
C ASN A 47 10.09 -20.38 47.83
N ASP A 48 8.93 -19.89 48.28
CA ASP A 48 7.71 -20.00 47.48
C ASP A 48 7.87 -19.30 46.14
N PHE A 49 8.56 -18.17 46.10
CA PHE A 49 8.74 -17.42 44.87
C PHE A 49 9.88 -17.99 44.03
N MET A 50 11.09 -18.02 44.59
CA MET A 50 12.28 -18.37 43.81
C MET A 50 12.28 -19.83 43.34
N LYS A 51 11.50 -20.71 43.99
CA LYS A 51 11.46 -22.09 43.52
C LYS A 51 10.82 -22.22 42.14
N ASN A 52 10.27 -21.13 41.59
CA ASN A 52 9.66 -21.13 40.26
C ASN A 52 10.63 -20.75 39.15
N LEU A 53 11.87 -20.38 39.48
CA LEU A 53 12.87 -20.11 38.47
C LEU A 53 13.38 -21.43 37.89
N GLU A 54 14.00 -21.34 36.71
CA GLU A 54 14.48 -22.53 36.04
C GLU A 54 15.78 -22.98 36.67
N LEU A 55 15.93 -24.31 36.83
CA LEU A 55 17.10 -24.87 37.51
C LEU A 55 18.40 -24.38 36.89
N SER A 56 18.42 -24.17 35.58
CA SER A 56 19.58 -23.55 34.95
C SER A 56 19.85 -22.17 35.52
N GLN A 57 18.80 -21.33 35.60
CA GLN A 57 18.97 -19.99 36.15
C GLN A 57 19.27 -20.03 37.64
N ILE A 58 18.69 -21.00 38.36
CA ILE A 58 18.98 -21.11 39.78
C ILE A 58 20.44 -21.42 39.98
N GLN A 59 21.07 -22.09 39.02
CA GLN A 59 22.39 -22.54 39.34
C GLN A 59 23.44 -21.56 38.82
N GLU A 60 23.00 -20.54 38.07
CA GLU A 60 23.77 -19.32 37.85
C GLU A 60 23.68 -18.38 39.06
N ILE A 61 22.52 -18.33 39.72
CA ILE A 61 22.37 -17.48 40.92
C ILE A 61 23.28 -17.95 42.05
N VAL A 62 23.30 -19.25 42.33
CA VAL A 62 24.19 -19.78 43.36
C VAL A 62 25.65 -19.42 43.03
N ASP A 63 26.04 -19.54 41.74
CA ASP A 63 27.42 -19.25 41.35
C ASP A 63 27.72 -17.77 41.51
N CYS A 64 26.70 -16.92 41.44
CA CYS A 64 26.86 -15.48 41.46
C CYS A 64 26.73 -14.89 42.86
N MET A 65 26.20 -15.65 43.82
CA MET A 65 26.07 -15.12 45.16
C MET A 65 27.43 -15.01 45.82
N TYR A 66 27.57 -14.02 46.69
CA TYR A 66 28.88 -13.75 47.24
C TYR A 66 28.84 -13.90 48.76
N PRO A 67 29.98 -14.20 49.39
CA PRO A 67 29.98 -14.38 50.84
C PRO A 67 30.04 -13.05 51.57
N VAL A 68 29.24 -12.95 52.64
CA VAL A 68 29.33 -11.82 53.56
C VAL A 68 29.14 -12.36 54.97
N GLU A 69 30.01 -11.94 55.89
CA GLU A 69 29.97 -12.39 57.28
C GLU A 69 29.65 -11.23 58.19
N TYR A 70 28.79 -11.50 59.17
CA TYR A 70 28.47 -10.57 60.24
C TYR A 70 28.81 -11.22 61.58
N GLY A 71 29.09 -10.39 62.58
CA GLY A 71 29.41 -10.90 63.89
C GLY A 71 28.20 -11.41 64.65
N LYS A 72 28.20 -11.25 65.98
CA LYS A 72 27.19 -11.87 66.81
C LYS A 72 25.94 -11.01 66.98
N ASP A 73 26.11 -9.70 67.15
CA ASP A 73 24.99 -8.78 67.37
C ASP A 73 25.02 -7.66 66.34
N SER A 74 24.98 -8.04 65.06
CA SER A 74 24.94 -7.08 63.96
C SER A 74 23.58 -7.17 63.28
N CYS A 75 23.15 -6.07 62.63
CA CYS A 75 21.84 -6.01 61.97
C CYS A 75 22.04 -6.00 60.45
N ILE A 76 21.42 -6.96 59.76
CA ILE A 76 21.66 -7.13 58.32
C ILE A 76 20.66 -6.36 57.46
N ILE A 77 19.45 -6.15 57.95
CA ILE A 77 18.42 -5.39 57.22
C ILE A 77 17.75 -4.46 58.22
N LYS A 78 17.63 -3.18 57.84
CA LYS A 78 16.94 -2.19 58.66
C LYS A 78 15.55 -1.95 58.09
N GLU A 79 14.54 -1.96 58.95
CA GLU A 79 13.19 -1.62 58.53
C GLU A 79 13.12 -0.16 58.14
N GLY A 80 12.54 0.12 56.98
CA GLY A 80 12.49 1.44 56.42
C GLY A 80 13.56 1.70 55.38
N ASP A 81 14.69 1.00 55.46
CA ASP A 81 15.70 1.06 54.41
C ASP A 81 15.12 0.48 53.12
N VAL A 82 15.74 0.84 52.01
CA VAL A 82 15.38 0.23 50.74
C VAL A 82 16.23 -1.01 50.54
N GLY A 83 15.60 -2.05 50.00
CA GLY A 83 16.25 -3.34 49.81
C GLY A 83 16.64 -3.56 48.36
N SER A 84 17.78 -4.22 48.15
CA SER A 84 18.17 -4.68 46.83
C SER A 84 18.86 -6.03 46.89
N LEU A 85 18.89 -6.68 48.05
CA LEU A 85 19.59 -7.94 48.22
C LEU A 85 18.67 -9.03 48.74
N VAL A 86 18.94 -10.25 48.33
CA VAL A 86 18.34 -11.45 48.90
C VAL A 86 19.45 -12.26 49.55
N TYR A 87 19.12 -12.93 50.65
CA TYR A 87 20.14 -13.56 51.48
C TYR A 87 19.81 -15.04 51.70
N VAL A 88 20.86 -15.81 51.95
CA VAL A 88 20.77 -17.18 52.42
C VAL A 88 21.80 -17.36 53.52
N MET A 89 21.40 -17.92 54.65
CA MET A 89 22.31 -18.10 55.77
C MET A 89 23.05 -19.43 55.63
N GLU A 90 24.35 -19.38 55.88
CA GLU A 90 25.20 -20.57 55.86
C GLU A 90 25.33 -21.12 57.27
N ASP A 91 26.20 -20.50 58.07
CA ASP A 91 26.24 -20.73 59.50
C ASP A 91 25.44 -19.64 60.21
N GLY A 92 24.85 -20.00 61.34
CA GLY A 92 24.29 -19.04 62.27
C GLY A 92 22.77 -19.10 62.31
N LYS A 93 22.23 -18.21 63.15
CA LYS A 93 20.79 -18.07 63.40
C LYS A 93 20.49 -16.60 63.59
N VAL A 94 19.35 -16.15 63.07
CA VAL A 94 18.97 -14.74 63.16
C VAL A 94 17.50 -14.59 63.53
N GLU A 95 17.20 -13.54 64.29
CA GLU A 95 15.83 -13.24 64.71
C GLU A 95 15.36 -11.97 64.02
N VAL A 96 14.13 -11.98 63.53
CA VAL A 96 13.57 -10.87 62.75
C VAL A 96 12.47 -10.20 63.58
N THR A 97 12.53 -8.88 63.66
CA THR A 97 11.58 -8.09 64.43
C THR A 97 11.00 -6.98 63.57
N LYS A 98 9.73 -6.67 63.79
CA LYS A 98 9.05 -5.62 63.04
C LYS A 98 9.20 -4.28 63.75
N GLU A 99 8.12 -3.79 64.35
CA GLU A 99 8.18 -2.57 65.15
C GLU A 99 8.74 -2.81 66.54
N GLY A 100 8.94 -4.07 66.93
CA GLY A 100 9.44 -4.41 68.24
C GLY A 100 9.12 -5.85 68.60
N VAL A 101 8.16 -6.42 67.87
CA VAL A 101 7.72 -7.79 68.12
C VAL A 101 8.73 -8.77 67.53
N LYS A 102 8.93 -9.89 68.23
CA LYS A 102 9.75 -10.97 67.70
C LYS A 102 8.87 -11.81 66.77
N LEU A 103 9.06 -11.64 65.46
CA LEU A 103 8.25 -12.34 64.47
C LEU A 103 8.78 -13.75 64.24
N CYS A 104 9.44 -13.98 63.11
CA CYS A 104 10.02 -15.29 62.90
C CYS A 104 11.32 -15.42 63.68
N THR A 105 11.75 -16.67 63.84
CA THR A 105 13.16 -17.00 64.03
C THR A 105 13.51 -18.00 62.94
N MET A 106 14.57 -17.72 62.18
CA MET A 106 14.91 -18.54 61.03
C MET A 106 16.39 -18.92 61.09
N GLY A 107 16.68 -20.17 60.75
CA GLY A 107 18.04 -20.66 60.77
C GLY A 107 18.59 -20.78 59.36
N PRO A 108 19.72 -21.47 59.22
CA PRO A 108 20.35 -21.57 57.91
C PRO A 108 19.49 -22.36 56.93
N GLY A 109 19.72 -22.09 55.64
CA GLY A 109 19.03 -22.81 54.59
C GLY A 109 17.69 -22.22 54.21
N LYS A 110 17.40 -21.00 54.62
CA LYS A 110 16.17 -20.31 54.26
C LYS A 110 16.51 -18.99 53.57
N VAL A 111 15.75 -18.68 52.51
CA VAL A 111 15.92 -17.45 51.75
C VAL A 111 15.09 -16.36 52.41
N PHE A 112 15.63 -15.13 52.44
CA PHE A 112 14.84 -14.01 52.94
C PHE A 112 15.25 -12.73 52.21
N GLY A 113 14.32 -11.78 52.17
CA GLY A 113 14.53 -10.51 51.49
C GLY A 113 14.32 -10.56 49.99
N GLU A 114 13.66 -11.59 49.48
CA GLU A 114 13.64 -11.84 48.04
C GLU A 114 12.77 -10.86 47.26
N LEU A 115 11.85 -10.16 47.92
CA LEU A 115 11.11 -9.10 47.24
C LEU A 115 12.06 -8.05 46.65
N ALA A 116 13.25 -7.90 47.23
CA ALA A 116 14.19 -6.87 46.81
C ALA A 116 14.88 -7.18 45.49
N ILE A 117 14.77 -8.42 44.97
CA ILE A 117 15.29 -8.70 43.64
C ILE A 117 14.24 -8.47 42.57
N LEU A 118 13.03 -8.08 42.95
CA LEU A 118 12.01 -7.64 42.02
C LEU A 118 12.06 -6.13 41.79
N TYR A 119 12.11 -5.35 42.86
CA TYR A 119 12.14 -3.90 42.74
C TYR A 119 12.67 -3.31 44.04
N ASN A 120 12.93 -1.99 44.01
CA ASN A 120 13.42 -1.23 45.15
C ASN A 120 12.31 -1.12 46.19
N CYS A 121 12.21 -2.15 47.02
CA CYS A 121 11.25 -2.20 48.12
C CYS A 121 11.68 -1.34 49.31
N THR A 122 10.68 -0.93 50.09
CA THR A 122 10.90 -0.55 51.47
C THR A 122 10.80 -1.79 52.35
N ARG A 123 11.77 -1.97 53.23
CA ARG A 123 11.78 -3.15 54.09
C ARG A 123 10.71 -3.05 55.17
N THR A 124 10.00 -4.17 55.40
CA THR A 124 8.90 -4.18 56.36
C THR A 124 9.35 -4.56 57.77
N ALA A 125 10.58 -5.04 57.94
CA ALA A 125 11.07 -5.42 59.25
C ALA A 125 12.58 -5.30 59.28
N THR A 126 13.14 -5.31 60.48
CA THR A 126 14.58 -5.28 60.69
C THR A 126 15.02 -6.66 61.17
N VAL A 127 16.06 -7.21 60.55
CA VAL A 127 16.57 -8.53 60.93
C VAL A 127 17.95 -8.34 61.54
N LYS A 128 18.14 -8.86 62.76
CA LYS A 128 19.35 -8.63 63.52
C LYS A 128 19.89 -9.95 64.08
N THR A 129 21.21 -10.09 64.01
CA THR A 129 21.85 -11.36 64.33
C THR A 129 21.71 -11.76 65.79
N LEU A 130 21.96 -13.04 66.04
CA LEU A 130 22.13 -13.58 67.39
C LEU A 130 23.45 -14.29 67.58
N VAL A 131 23.89 -15.05 66.59
CA VAL A 131 25.17 -15.75 66.61
C VAL A 131 25.92 -15.37 65.33
N ASN A 132 27.22 -15.68 65.30
CA ASN A 132 28.06 -15.37 64.14
C ASN A 132 27.53 -16.07 62.90
N VAL A 133 27.15 -15.29 61.89
CA VAL A 133 26.43 -15.79 60.73
C VAL A 133 27.31 -15.63 59.49
N LYS A 134 27.25 -16.63 58.60
CA LYS A 134 27.76 -16.52 57.24
C LYS A 134 26.57 -16.46 56.30
N LEU A 135 26.50 -15.41 55.50
CA LEU A 135 25.43 -15.25 54.52
C LEU A 135 25.97 -15.38 53.11
N TRP A 136 25.08 -15.76 52.20
CA TRP A 136 25.26 -15.51 50.78
C TRP A 136 24.29 -14.43 50.34
N ALA A 137 24.69 -13.63 49.35
CA ALA A 137 23.84 -12.54 48.88
C ALA A 137 24.03 -12.34 47.37
N ILE A 138 23.01 -11.79 46.72
CA ILE A 138 23.14 -11.37 45.32
C ILE A 138 22.28 -10.14 45.15
N ASP A 139 22.76 -9.12 44.43
CA ASP A 139 21.85 -8.01 44.59
C ASP A 139 20.96 -7.96 43.33
N ARG A 140 19.89 -7.17 43.41
CA ARG A 140 18.90 -7.17 42.35
C ARG A 140 19.52 -6.97 40.97
N GLN A 141 20.49 -6.06 40.84
CA GLN A 141 21.02 -5.74 39.51
C GLN A 141 21.62 -6.96 38.84
N CYS A 142 22.33 -7.80 39.60
CA CYS A 142 22.96 -8.99 39.04
C CYS A 142 21.96 -10.11 38.82
N PHE A 143 20.87 -10.14 39.60
CA PHE A 143 19.83 -11.15 39.37
C PHE A 143 19.09 -10.91 38.06
N GLN A 144 18.69 -9.66 37.78
CA GLN A 144 18.05 -9.43 36.48
C GLN A 144 19.02 -9.63 35.34
N THR A 145 20.31 -9.34 35.54
CA THR A 145 21.28 -9.58 34.48
C THR A 145 21.37 -11.07 34.16
N ILE A 146 21.29 -11.93 35.19
CA ILE A 146 21.22 -13.37 34.97
C ILE A 146 19.97 -13.72 34.18
N MET A 147 18.81 -13.24 34.65
CA MET A 147 17.54 -13.56 34.00
C MET A 147 17.51 -13.03 32.56
N MET A 148 17.99 -11.80 32.36
CA MET A 148 18.01 -11.22 31.03
C MET A 148 18.94 -11.99 30.10
N ARG A 149 20.14 -12.30 30.58
CA ARG A 149 21.14 -12.94 29.73
C ARG A 149 20.74 -14.37 29.38
N THR A 150 20.37 -15.16 30.38
CA THR A 150 20.03 -16.56 30.12
C THR A 150 18.76 -16.66 29.29
N GLY A 151 17.77 -15.80 29.56
CA GLY A 151 16.54 -15.84 28.79
C GLY A 151 16.77 -15.51 27.32
N LEU A 152 17.59 -14.49 27.05
CA LEU A 152 17.86 -14.09 25.68
C LEU A 152 18.74 -15.12 24.97
N ILE A 153 19.72 -15.69 25.67
CA ILE A 153 20.55 -16.74 25.07
C ILE A 153 19.68 -17.92 24.65
N LYS A 154 18.88 -18.43 25.58
CA LYS A 154 18.00 -19.56 25.29
C LYS A 154 17.06 -19.24 24.14
N HIS A 155 16.51 -18.03 24.11
CA HIS A 155 15.53 -17.68 23.10
C HIS A 155 16.14 -17.69 21.69
N THR A 156 17.25 -16.97 21.51
CA THR A 156 17.86 -16.90 20.19
C THR A 156 18.49 -18.23 19.79
N GLU A 157 18.95 -19.02 20.77
CA GLU A 157 19.37 -20.39 20.48
C GLU A 157 18.20 -21.17 19.89
N TYR A 158 17.01 -21.00 20.46
CA TYR A 158 15.84 -21.71 19.97
C TYR A 158 15.51 -21.29 18.55
N MET A 159 15.65 -20.00 18.22
CA MET A 159 15.19 -19.51 16.93
C MET A 159 16.15 -19.83 15.78
N GLU A 160 17.43 -20.04 16.07
CA GLU A 160 18.31 -20.51 15.01
C GLU A 160 18.11 -22.00 14.76
N PHE A 161 17.58 -22.71 15.76
CA PHE A 161 17.14 -24.09 15.56
C PHE A 161 15.92 -24.15 14.64
N LEU A 162 14.92 -23.31 14.89
CA LEU A 162 13.71 -23.30 14.07
C LEU A 162 13.99 -22.76 12.67
N LYS A 163 14.80 -21.71 12.56
CA LYS A 163 15.11 -21.16 11.24
C LYS A 163 15.76 -22.18 10.31
N SER A 164 16.32 -23.26 10.86
CA SER A 164 17.01 -24.27 10.08
C SER A 164 16.11 -25.37 9.53
N VAL A 165 14.83 -25.38 9.93
CA VAL A 165 13.91 -26.44 9.50
C VAL A 165 13.17 -25.95 8.26
N PRO A 166 13.17 -26.72 7.16
CA PRO A 166 12.48 -26.26 5.94
C PRO A 166 11.02 -25.94 6.17
N THR A 167 10.31 -26.75 6.96
CA THR A 167 8.95 -26.44 7.32
C THR A 167 8.84 -25.12 8.07
N PHE A 168 9.94 -24.64 8.66
CA PHE A 168 9.98 -23.39 9.40
C PHE A 168 10.79 -22.29 8.73
N GLN A 169 11.32 -22.49 7.53
CA GLN A 169 12.06 -21.43 6.86
C GLN A 169 11.14 -20.28 6.46
N SER A 170 9.97 -20.61 5.92
CA SER A 170 8.96 -19.77 5.26
C SER A 170 8.22 -18.76 6.19
N LEU A 171 8.54 -18.38 7.42
CA LEU A 171 7.62 -17.62 8.24
C LEU A 171 8.35 -16.48 8.94
N PRO A 172 7.62 -15.44 9.35
CA PRO A 172 8.26 -14.21 9.88
C PRO A 172 9.16 -14.46 11.07
N GLU A 173 9.94 -13.42 11.42
CA GLU A 173 10.76 -13.48 12.63
C GLU A 173 9.89 -13.47 13.87
N GLU A 174 8.98 -12.50 13.97
CA GLU A 174 7.75 -12.66 14.72
C GLU A 174 7.08 -13.96 14.29
N ILE A 175 6.15 -14.45 15.11
CA ILE A 175 5.49 -15.74 14.88
C ILE A 175 6.49 -16.85 15.17
N LEU A 176 7.67 -16.77 14.56
CA LEU A 176 8.73 -17.74 14.84
C LEU A 176 9.22 -17.62 16.27
N SER A 177 9.06 -16.45 16.90
CA SER A 177 9.42 -16.25 18.29
C SER A 177 8.31 -16.66 19.25
N LYS A 178 7.05 -16.69 18.81
CA LYS A 178 6.04 -17.38 19.59
C LYS A 178 6.26 -18.88 19.53
N LEU A 179 6.69 -19.37 18.38
CA LEU A 179 7.03 -20.79 18.23
C LEU A 179 8.19 -21.18 19.16
N ALA A 180 9.16 -20.29 19.33
CA ALA A 180 10.24 -20.57 20.28
C ALA A 180 9.68 -20.72 21.69
N ASP A 181 8.66 -19.91 22.04
CA ASP A 181 8.09 -19.93 23.38
C ASP A 181 7.09 -21.07 23.58
N VAL A 182 6.84 -21.88 22.56
CA VAL A 182 5.96 -23.04 22.69
C VAL A 182 6.74 -24.34 22.63
N LEU A 183 8.06 -24.28 22.47
CA LEU A 183 8.88 -25.47 22.56
C LEU A 183 8.85 -26.02 23.98
N GLU A 184 9.03 -27.34 24.08
CA GLU A 184 9.17 -28.00 25.36
C GLU A 184 10.48 -28.79 25.35
N GLU A 185 11.31 -28.55 26.36
CA GLU A 185 12.55 -29.30 26.50
C GLU A 185 12.26 -30.65 27.15
N THR A 186 12.69 -31.72 26.50
CA THR A 186 12.54 -33.06 27.05
C THR A 186 13.88 -33.77 27.02
N HIS A 187 14.26 -34.35 28.14
CA HIS A 187 15.55 -35.02 28.28
C HIS A 187 15.34 -36.53 28.31
N TYR A 188 16.29 -37.25 27.71
CA TYR A 188 16.25 -38.71 27.66
C TYR A 188 17.59 -39.27 28.09
N GLU A 189 17.55 -40.43 28.74
CA GLU A 189 18.77 -41.11 29.11
C GLU A 189 19.17 -42.09 28.01
N ASN A 190 20.38 -42.64 28.15
CA ASN A 190 20.92 -43.52 27.12
C ASN A 190 20.04 -44.75 26.95
N GLY A 191 19.80 -45.13 25.69
CA GLY A 191 18.98 -46.28 25.37
C GLY A 191 17.49 -46.02 25.37
N GLU A 192 17.05 -44.87 25.87
CA GLU A 192 15.63 -44.53 25.84
C GLU A 192 15.16 -44.30 24.42
N TYR A 193 14.05 -44.95 24.05
CA TYR A 193 13.41 -44.71 22.76
C TYR A 193 12.64 -43.40 22.82
N ILE A 194 13.10 -42.41 22.04
CA ILE A 194 12.36 -41.15 21.88
C ILE A 194 11.07 -41.35 21.07
N ILE A 195 11.15 -42.23 20.07
CA ILE A 195 10.13 -42.47 19.07
C ILE A 195 10.26 -43.91 18.60
N ARG A 196 9.14 -44.54 18.20
CA ARG A 196 9.14 -45.95 17.79
C ARG A 196 8.47 -46.08 16.43
N GLN A 197 9.04 -46.95 15.59
CA GLN A 197 8.48 -47.22 14.29
C GLN A 197 7.07 -47.77 14.42
N GLY A 198 6.17 -47.29 13.56
CA GLY A 198 4.79 -47.71 13.57
C GLY A 198 3.91 -46.92 14.53
N ALA A 199 4.50 -46.18 15.46
CA ALA A 199 3.71 -45.36 16.35
C ALA A 199 3.09 -44.20 15.58
N ARG A 200 1.87 -43.83 15.96
CA ARG A 200 1.29 -42.58 15.50
C ARG A 200 1.83 -41.45 16.37
N GLY A 201 2.09 -40.31 15.75
CA GLY A 201 2.66 -39.19 16.49
C GLY A 201 2.16 -37.86 15.95
N ASP A 202 2.06 -36.89 16.86
CA ASP A 202 1.72 -35.53 16.51
C ASP A 202 2.82 -34.54 16.86
N THR A 203 4.02 -35.03 17.20
CA THR A 203 5.06 -34.18 17.74
C THR A 203 6.27 -34.12 16.81
N PHE A 204 6.90 -32.96 16.76
CA PHE A 204 8.11 -32.71 16.01
C PHE A 204 9.27 -32.51 16.98
N PHE A 205 10.43 -33.05 16.64
CA PHE A 205 11.58 -33.06 17.53
C PHE A 205 12.75 -32.34 16.88
N ILE A 206 13.45 -31.54 17.68
CA ILE A 206 14.73 -30.95 17.30
C ILE A 206 15.74 -31.28 18.37
N ILE A 207 16.88 -31.85 17.97
CA ILE A 207 17.90 -32.27 18.92
C ILE A 207 18.76 -31.08 19.29
N SER A 208 18.73 -30.69 20.56
CA SER A 208 19.54 -29.58 21.04
C SER A 208 20.79 -30.03 21.79
N LYS A 209 20.74 -31.18 22.45
CA LYS A 209 21.91 -31.75 23.11
C LYS A 209 21.96 -33.24 22.85
N GLY A 210 23.18 -33.75 22.66
CA GLY A 210 23.38 -35.18 22.51
C GLY A 210 23.39 -35.67 21.07
N THR A 211 23.22 -36.98 20.95
CA THR A 211 23.13 -37.65 19.66
C THR A 211 22.17 -38.82 19.78
N VAL A 212 21.65 -39.26 18.64
CA VAL A 212 20.63 -40.30 18.60
C VAL A 212 20.94 -41.27 17.47
N ASN A 213 20.49 -42.51 17.64
CA ASN A 213 20.59 -43.55 16.63
C ASN A 213 19.21 -43.77 16.00
N VAL A 214 19.17 -43.82 14.68
CA VAL A 214 17.93 -44.06 13.95
C VAL A 214 17.96 -45.49 13.42
N THR A 215 17.20 -46.37 14.06
CA THR A 215 17.09 -47.75 13.64
C THR A 215 15.73 -47.98 13.00
N ARG A 216 15.66 -49.04 12.20
CA ARG A 216 14.44 -49.35 11.45
C ARG A 216 14.49 -50.80 11.03
N GLU A 217 13.45 -51.55 11.36
CA GLU A 217 13.31 -52.91 10.85
C GLU A 217 12.67 -52.84 9.45
N ASP A 218 13.40 -53.34 8.46
CA ASP A 218 12.91 -53.45 7.09
C ASP A 218 11.74 -54.42 7.01
N SER A 219 11.68 -55.36 7.94
CA SER A 219 10.67 -56.38 8.12
C SER A 219 9.84 -56.14 9.37
N PRO A 220 8.69 -56.81 9.48
CA PRO A 220 8.14 -57.07 10.82
C PRO A 220 9.05 -57.94 11.69
N SER A 221 9.68 -58.98 11.13
CA SER A 221 10.48 -59.91 11.93
C SER A 221 11.89 -60.09 11.36
N GLU A 222 12.56 -58.97 11.10
CA GLU A 222 14.00 -58.84 11.18
C GLU A 222 14.31 -58.09 12.46
N ASP A 223 15.49 -58.17 12.87
CA ASP A 223 15.66 -57.20 13.95
C ASP A 223 16.04 -55.84 13.36
N PRO A 224 15.76 -54.74 14.05
CA PRO A 224 15.93 -53.41 13.43
C PRO A 224 17.37 -53.16 13.01
N VAL A 225 17.54 -52.68 11.78
CA VAL A 225 18.85 -52.40 11.22
C VAL A 225 19.19 -50.93 11.49
N PHE A 226 20.47 -50.67 11.74
CA PHE A 226 20.94 -49.30 11.89
C PHE A 226 20.80 -48.55 10.57
N LEU A 227 20.45 -47.26 10.68
CA LEU A 227 20.31 -46.41 9.50
C LEU A 227 21.19 -45.17 9.56
N ARG A 228 21.04 -44.35 10.61
CA ARG A 228 21.55 -42.99 10.62
C ARG A 228 21.88 -42.59 12.05
N THR A 229 22.66 -41.52 12.19
CA THR A 229 22.86 -40.85 13.47
C THR A 229 22.61 -39.35 13.30
N LEU A 230 21.82 -38.80 14.21
CA LEU A 230 21.46 -37.39 14.19
C LEU A 230 22.00 -36.70 15.44
N GLY A 231 22.37 -35.44 15.29
CA GLY A 231 22.97 -34.70 16.39
C GLY A 231 22.46 -33.29 16.57
N LYS A 232 23.13 -32.52 17.43
CA LYS A 232 22.71 -31.16 17.78
C LYS A 232 22.45 -30.30 16.55
N GLY A 233 21.19 -30.14 16.20
CA GLY A 233 20.81 -29.35 15.03
C GLY A 233 19.89 -30.12 14.10
N ASP A 234 19.95 -31.45 14.16
CA ASP A 234 19.09 -32.29 13.35
C ASP A 234 17.70 -32.41 13.98
N TRP A 235 16.75 -32.83 13.15
CA TRP A 235 15.36 -32.97 13.56
C TRP A 235 14.80 -34.25 12.97
N PHE A 236 13.59 -34.59 13.40
CA PHE A 236 12.86 -35.72 12.84
C PHE A 236 11.40 -35.56 13.21
N GLY A 237 10.53 -36.23 12.45
CA GLY A 237 9.12 -36.11 12.71
C GLY A 237 8.44 -34.90 12.12
N GLU A 238 9.09 -34.19 11.18
CA GLU A 238 8.46 -33.03 10.56
C GLU A 238 7.13 -33.37 9.91
N LYS A 239 6.96 -34.61 9.45
CA LYS A 239 5.69 -35.00 8.83
C LYS A 239 4.52 -34.75 9.77
N ALA A 240 4.77 -34.82 11.08
CA ALA A 240 3.72 -34.67 12.10
C ALA A 240 3.17 -33.25 12.21
N LEU A 241 3.87 -32.24 11.71
CA LEU A 241 3.34 -30.89 11.87
C LEU A 241 2.31 -30.54 10.81
N GLN A 242 2.07 -31.42 9.83
CA GLN A 242 0.95 -31.27 8.92
C GLN A 242 -0.19 -32.23 9.20
N GLY A 243 0.07 -33.33 9.91
CA GLY A 243 -0.98 -34.24 10.29
C GLY A 243 -0.39 -35.39 11.09
N GLU A 244 -1.25 -36.33 11.47
CA GLU A 244 -0.80 -37.51 12.18
C GLU A 244 0.28 -38.23 11.37
N ASP A 245 1.40 -38.53 12.03
CA ASP A 245 2.55 -39.12 11.40
C ASP A 245 2.74 -40.55 11.90
N VAL A 246 2.88 -41.49 10.98
CA VAL A 246 3.32 -42.84 11.33
C VAL A 246 4.84 -42.84 11.30
N ARG A 247 5.45 -43.04 12.46
CA ARG A 247 6.90 -42.94 12.55
C ARG A 247 7.53 -44.09 11.78
N THR A 248 8.45 -43.76 10.89
CA THR A 248 9.05 -44.74 10.00
C THR A 248 10.35 -45.30 10.53
N ALA A 249 10.77 -44.93 11.75
CA ALA A 249 11.99 -45.48 12.31
C ALA A 249 11.99 -45.24 13.81
N ASN A 250 12.78 -46.05 14.52
CA ASN A 250 13.07 -45.80 15.92
C ASN A 250 14.16 -44.74 16.03
N VAL A 251 14.02 -43.86 17.01
CA VAL A 251 15.08 -42.95 17.40
C VAL A 251 15.38 -43.21 18.88
N ILE A 252 16.58 -43.69 19.15
CA ILE A 252 17.00 -44.04 20.50
C ILE A 252 18.07 -43.04 20.95
N ALA A 253 17.97 -42.60 22.20
CA ALA A 253 18.99 -41.73 22.76
C ALA A 253 20.30 -42.49 22.88
N ALA A 254 21.35 -42.00 22.19
CA ALA A 254 22.67 -42.61 22.29
C ALA A 254 23.45 -42.12 23.49
N GLU A 255 23.10 -40.95 24.04
CA GLU A 255 23.73 -40.40 25.23
C GLU A 255 22.65 -39.66 26.00
N ALA A 256 23.06 -38.78 26.92
CA ALA A 256 22.11 -37.87 27.53
C ALA A 256 21.68 -36.85 26.49
N VAL A 257 20.38 -36.83 26.18
CA VAL A 257 19.85 -36.12 25.03
C VAL A 257 18.77 -35.15 25.51
N THR A 258 18.79 -33.95 24.95
CA THR A 258 17.68 -33.01 25.07
C THR A 258 17.12 -32.73 23.68
N CYS A 259 15.80 -32.73 23.57
CA CYS A 259 15.15 -32.34 22.33
C CYS A 259 14.12 -31.25 22.58
N LEU A 260 13.96 -30.39 21.59
CA LEU A 260 12.88 -29.41 21.58
C LEU A 260 11.71 -30.05 20.85
N VAL A 261 10.55 -30.08 21.51
CA VAL A 261 9.41 -30.85 21.03
C VAL A 261 8.24 -29.89 20.84
N ILE A 262 7.51 -30.07 19.75
CA ILE A 262 6.35 -29.27 19.43
C ILE A 262 5.30 -30.16 18.81
N ASP A 263 4.07 -30.08 19.30
CA ASP A 263 2.97 -30.83 18.71
C ASP A 263 2.12 -29.92 17.84
N ARG A 264 1.33 -30.54 16.96
CA ARG A 264 0.68 -29.81 15.88
C ARG A 264 -0.35 -28.82 16.40
N ASP A 265 -1.05 -29.17 17.48
CA ASP A 265 -2.16 -28.33 17.95
C ASP A 265 -1.66 -26.98 18.46
N SER A 266 -0.53 -26.98 19.19
CA SER A 266 0.04 -25.71 19.62
C SER A 266 0.58 -24.94 18.43
N PHE A 267 1.13 -25.65 17.45
CA PHE A 267 1.54 -25.05 16.19
C PHE A 267 0.35 -24.39 15.50
N LYS A 268 -0.72 -25.15 15.28
CA LYS A 268 -1.87 -24.67 14.53
C LYS A 268 -2.63 -23.56 15.26
N HIS A 269 -2.50 -23.48 16.59
CA HIS A 269 -3.12 -22.36 17.31
C HIS A 269 -2.58 -21.02 16.84
N LEU A 270 -1.39 -21.01 16.23
CA LEU A 270 -0.79 -19.82 15.63
C LEU A 270 -0.70 -20.08 14.12
N ILE A 271 -1.82 -19.91 13.44
CA ILE A 271 -1.92 -20.20 12.01
C ILE A 271 -1.04 -19.26 11.19
N ALA A 285 3.73 -14.66 -1.41
CA ALA A 285 3.40 -14.96 -2.80
C ALA A 285 4.52 -15.74 -3.48
N GLU A 286 4.15 -16.80 -4.20
CA GLU A 286 5.09 -17.52 -5.05
C GLU A 286 5.24 -16.78 -6.38
N ALA A 287 5.68 -15.53 -6.27
CA ALA A 287 5.82 -14.65 -7.45
C ALA A 287 7.21 -14.79 -8.04
N LYS A 288 8.22 -14.26 -7.36
CA LYS A 288 9.59 -14.45 -7.84
C LYS A 288 10.02 -15.90 -7.78
N ALA A 289 9.13 -16.80 -7.37
CA ALA A 289 9.38 -18.24 -7.38
C ALA A 289 8.93 -18.82 -8.71
N LYS A 290 7.61 -18.81 -8.95
CA LYS A 290 7.04 -19.43 -10.14
C LYS A 290 7.56 -18.77 -11.42
N TYR A 291 7.50 -17.45 -11.49
CA TYR A 291 7.80 -16.79 -12.75
C TYR A 291 9.30 -16.65 -13.01
N GLU A 292 10.13 -16.68 -11.97
CA GLU A 292 11.56 -16.76 -12.18
C GLU A 292 11.98 -18.07 -12.83
N ALA A 293 11.23 -19.14 -12.59
CA ALA A 293 11.58 -20.43 -13.17
C ALA A 293 11.31 -20.46 -14.66
N GLU A 294 10.13 -19.98 -15.08
CA GLU A 294 9.84 -19.86 -16.50
C GLU A 294 10.89 -19.02 -17.21
N ALA A 295 11.41 -18.00 -16.53
CA ALA A 295 12.42 -17.14 -17.13
C ALA A 295 13.70 -17.91 -17.43
N ALA A 296 14.10 -18.81 -16.53
CA ALA A 296 15.32 -19.58 -16.75
C ALA A 296 15.20 -20.48 -17.97
N PHE A 297 14.07 -21.19 -18.09
CA PHE A 297 13.87 -22.08 -19.23
C PHE A 297 14.05 -21.34 -20.56
N PHE A 298 13.38 -20.19 -20.69
CA PHE A 298 13.47 -19.46 -21.95
C PHE A 298 14.84 -18.81 -22.14
N ALA A 299 15.59 -18.62 -21.06
CA ALA A 299 16.87 -17.91 -21.18
C ALA A 299 17.93 -18.78 -21.83
N ASN A 300 17.96 -20.08 -21.51
CA ASN A 300 18.97 -20.98 -22.09
C ASN A 300 18.44 -21.71 -23.30
N LEU A 301 17.56 -21.07 -24.08
CA LEU A 301 17.15 -21.55 -25.39
C LEU A 301 17.91 -20.81 -26.48
N LYS A 302 18.30 -21.55 -27.50
CA LYS A 302 18.86 -20.98 -28.72
C LYS A 302 17.81 -21.05 -29.81
N LEU A 303 18.06 -20.29 -30.88
CA LEU A 303 17.18 -20.38 -32.05
C LEU A 303 17.19 -21.80 -32.63
N SER A 304 18.27 -22.54 -32.40
CA SER A 304 18.45 -23.87 -32.98
C SER A 304 17.66 -24.96 -32.26
N ASP A 305 16.88 -24.62 -31.25
CA ASP A 305 16.01 -25.60 -30.60
C ASP A 305 14.61 -25.64 -31.19
N PHE A 306 14.31 -24.83 -32.19
CA PHE A 306 12.98 -24.76 -32.77
C PHE A 306 12.98 -25.26 -34.21
N ASN A 307 11.88 -25.88 -34.59
CA ASN A 307 11.54 -26.11 -35.99
C ASN A 307 10.36 -25.21 -36.34
N ILE A 308 10.35 -24.69 -37.56
CA ILE A 308 9.13 -24.07 -38.08
C ILE A 308 8.26 -25.17 -38.66
N ILE A 309 7.03 -25.25 -38.18
CA ILE A 309 6.13 -26.35 -38.57
C ILE A 309 4.91 -25.86 -39.35
N ASP A 310 4.47 -24.62 -39.18
CA ASP A 310 3.34 -24.09 -39.94
C ASP A 310 3.40 -22.57 -39.87
N THR A 311 2.43 -21.93 -40.50
CA THR A 311 2.34 -20.48 -40.55
C THR A 311 1.01 -20.05 -39.94
N LEU A 312 1.07 -19.12 -38.98
CA LEU A 312 -0.14 -18.63 -38.34
C LEU A 312 -0.65 -17.35 -39.00
N GLY A 313 0.23 -16.52 -39.53
CA GLY A 313 -0.20 -15.30 -40.18
C GLY A 313 0.94 -14.65 -40.92
N VAL A 314 0.57 -13.72 -41.80
CA VAL A 314 1.50 -12.88 -42.54
C VAL A 314 1.09 -11.44 -42.31
N GLY A 315 2.04 -10.59 -41.91
CA GLY A 315 1.76 -9.20 -41.63
C GLY A 315 2.60 -8.26 -42.46
N GLY A 316 2.32 -6.96 -42.27
CA GLY A 316 3.07 -5.94 -42.99
C GLY A 316 4.55 -5.95 -42.66
N PHE A 317 4.89 -6.21 -41.40
CA PHE A 317 6.27 -6.10 -40.95
C PHE A 317 6.92 -7.43 -40.62
N GLY A 318 6.15 -8.46 -40.26
CA GLY A 318 6.75 -9.78 -40.15
C GLY A 318 5.79 -10.92 -40.38
N ARG A 319 6.39 -12.09 -40.66
CA ARG A 319 5.69 -13.36 -40.77
C ARG A 319 5.58 -14.00 -39.38
N VAL A 320 4.44 -14.63 -39.10
CA VAL A 320 4.24 -15.33 -37.83
C VAL A 320 4.11 -16.81 -38.11
N GLU A 321 5.09 -17.57 -37.65
CA GLU A 321 5.14 -19.01 -37.85
C GLU A 321 4.82 -19.73 -36.55
N LEU A 322 4.21 -20.90 -36.67
CA LEU A 322 4.12 -21.83 -35.54
C LEU A 322 5.45 -22.56 -35.44
N VAL A 323 6.03 -22.56 -34.25
CA VAL A 323 7.31 -23.24 -34.04
C VAL A 323 7.16 -24.23 -32.89
N GLN A 324 7.98 -25.27 -32.94
CA GLN A 324 7.90 -26.38 -32.01
C GLN A 324 9.28 -26.66 -31.44
N LEU A 325 9.34 -26.89 -30.13
CA LEU A 325 10.60 -27.21 -29.49
C LEU A 325 11.06 -28.61 -29.90
N LYS A 326 12.33 -28.72 -30.30
CA LYS A 326 12.83 -30.00 -30.78
C LYS A 326 12.84 -31.04 -29.66
N SER A 327 12.93 -30.59 -28.40
CA SER A 327 13.09 -31.51 -27.27
C SER A 327 11.79 -31.80 -26.54
N GLU A 328 10.80 -30.92 -26.63
CA GLU A 328 9.48 -31.13 -26.05
C GLU A 328 8.45 -30.77 -27.12
N GLU A 329 7.97 -31.76 -27.85
CA GLU A 329 7.04 -31.47 -28.94
C GLU A 329 5.63 -31.14 -28.46
N SER A 330 5.34 -31.33 -27.17
CA SER A 330 4.13 -30.78 -26.59
C SER A 330 4.11 -29.26 -26.63
N LYS A 331 5.27 -28.61 -26.71
CA LYS A 331 5.42 -27.19 -26.46
C LYS A 331 5.61 -26.46 -27.78
N THR A 332 4.57 -25.79 -28.24
CA THR A 332 4.61 -25.00 -29.47
C THR A 332 4.40 -23.53 -29.14
N PHE A 333 4.94 -22.66 -30.00
CA PHE A 333 4.90 -21.23 -29.78
C PHE A 333 4.67 -20.51 -31.09
N ALA A 334 4.14 -19.30 -30.98
CA ALA A 334 4.05 -18.38 -32.11
C ALA A 334 5.35 -17.60 -32.20
N MET A 335 5.94 -17.55 -33.38
CA MET A 335 7.19 -16.81 -33.61
C MET A 335 6.97 -15.74 -34.66
N LYS A 336 6.97 -14.48 -34.24
CA LYS A 336 6.95 -13.37 -35.18
C LYS A 336 8.37 -13.10 -35.67
N ILE A 337 8.54 -13.10 -36.99
CA ILE A 337 9.86 -12.96 -37.60
C ILE A 337 9.85 -11.72 -38.46
N LEU A 338 10.82 -10.83 -38.25
CA LEU A 338 10.85 -9.54 -38.91
C LEU A 338 12.15 -9.38 -39.66
N LYS A 339 12.06 -8.87 -40.88
CA LYS A 339 13.24 -8.59 -41.68
C LYS A 339 13.89 -7.31 -41.19
N LYS A 340 15.17 -7.38 -40.82
CA LYS A 340 15.83 -6.23 -40.22
C LYS A 340 15.96 -5.08 -41.22
N ARG A 341 16.39 -5.39 -42.46
CA ARG A 341 16.44 -4.38 -43.51
C ARG A 341 15.09 -3.68 -43.66
N HIS A 342 14.00 -4.42 -43.49
CA HIS A 342 12.67 -3.85 -43.62
C HIS A 342 12.35 -2.93 -42.45
N ILE A 343 12.77 -3.30 -41.24
CA ILE A 343 12.53 -2.44 -40.09
C ILE A 343 13.30 -1.14 -40.23
N VAL A 344 14.49 -1.19 -40.83
CA VAL A 344 15.28 0.02 -41.00
C VAL A 344 14.74 0.88 -42.14
N ASP A 345 14.27 0.24 -43.21
CA ASP A 345 13.69 0.98 -44.33
C ASP A 345 12.46 1.75 -43.91
N THR A 346 11.53 1.09 -43.21
CA THR A 346 10.33 1.75 -42.73
C THR A 346 10.59 2.60 -41.48
N ARG A 347 11.83 2.68 -41.02
CA ARG A 347 12.22 3.48 -39.86
C ARG A 347 11.35 3.15 -38.63
N GLN A 348 11.26 1.86 -38.31
CA GLN A 348 10.41 1.37 -37.24
C GLN A 348 11.19 0.80 -36.06
N GLN A 349 12.46 1.17 -35.91
CA GLN A 349 13.29 0.58 -34.87
C GLN A 349 12.66 0.73 -33.49
N GLU A 350 12.22 1.95 -33.14
CA GLU A 350 11.73 2.16 -31.79
C GLU A 350 10.33 1.60 -31.59
N HIS A 351 9.60 1.37 -32.68
CA HIS A 351 8.31 0.70 -32.56
C HIS A 351 8.47 -0.78 -32.29
N ILE A 352 9.40 -1.44 -32.98
CA ILE A 352 9.69 -2.84 -32.65
C ILE A 352 10.20 -2.94 -31.22
N ARG A 353 11.11 -2.04 -30.83
CA ARG A 353 11.68 -2.07 -29.49
C ARG A 353 10.60 -1.98 -28.42
N SER A 354 9.60 -1.11 -28.63
CA SER A 354 8.53 -1.00 -27.65
C SER A 354 7.55 -2.16 -27.73
N GLU A 355 7.40 -2.78 -28.89
CA GLU A 355 6.66 -4.04 -28.96
C GLU A 355 7.29 -5.08 -28.06
N LYS A 356 8.62 -5.23 -28.15
CA LYS A 356 9.34 -6.15 -27.28
C LYS A 356 9.16 -5.78 -25.82
N GLN A 357 9.42 -4.52 -25.48
CA GLN A 357 9.39 -4.11 -24.07
C GLN A 357 8.00 -4.28 -23.47
N ILE A 358 6.97 -3.83 -24.17
CA ILE A 358 5.64 -3.79 -23.59
C ILE A 358 5.04 -5.19 -23.51
N MET A 359 5.24 -6.00 -24.55
CA MET A 359 4.66 -7.34 -24.57
C MET A 359 5.39 -8.27 -23.60
N GLN A 360 6.71 -8.11 -23.48
CA GLN A 360 7.46 -8.92 -22.53
C GLN A 360 7.09 -8.58 -21.09
N GLY A 361 6.87 -7.30 -20.81
CA GLY A 361 6.55 -6.86 -19.47
C GLY A 361 5.10 -6.93 -19.08
N ALA A 362 4.22 -7.24 -20.02
CA ALA A 362 2.79 -7.31 -19.74
C ALA A 362 2.44 -8.69 -19.20
N HIS A 363 1.69 -8.71 -18.09
CA HIS A 363 1.17 -9.95 -17.52
C HIS A 363 -0.33 -9.75 -17.38
N SER A 364 -1.02 -10.13 -18.44
CA SER A 364 -2.46 -9.97 -18.59
C SER A 364 -3.01 -11.22 -19.26
N ASP A 365 -4.12 -11.73 -18.73
CA ASP A 365 -4.77 -12.88 -19.36
C ASP A 365 -5.34 -12.53 -20.73
N PHE A 366 -5.52 -11.25 -21.02
CA PHE A 366 -6.10 -10.79 -22.28
C PHE A 366 -5.05 -10.20 -23.22
N ILE A 367 -3.77 -10.52 -22.98
CA ILE A 367 -2.67 -10.10 -23.82
C ILE A 367 -1.73 -11.27 -24.00
N VAL A 368 -1.45 -11.63 -25.25
CA VAL A 368 -0.50 -12.71 -25.53
C VAL A 368 0.84 -12.41 -24.89
N ARG A 369 1.37 -13.38 -24.16
CA ARG A 369 2.68 -13.22 -23.53
C ARG A 369 3.79 -13.29 -24.57
N LEU A 370 4.77 -12.39 -24.44
CA LEU A 370 6.01 -12.47 -25.21
C LEU A 370 7.09 -12.98 -24.27
N TYR A 371 7.58 -14.21 -24.52
CA TYR A 371 8.51 -14.82 -23.59
C TYR A 371 9.93 -14.30 -23.78
N ARG A 372 10.32 -14.04 -25.03
CA ARG A 372 11.68 -13.55 -25.32
C ARG A 372 11.86 -13.28 -26.81
N THR A 373 13.03 -12.76 -27.17
CA THR A 373 13.39 -12.45 -28.54
C THR A 373 14.68 -13.19 -28.89
N PHE A 374 14.83 -13.53 -30.17
CA PHE A 374 16.10 -13.96 -30.71
C PHE A 374 16.47 -13.06 -31.88
N LYS A 375 17.67 -13.26 -32.40
CA LYS A 375 18.15 -12.46 -33.52
C LYS A 375 19.27 -13.19 -34.23
N ASP A 376 19.31 -13.04 -35.55
CA ASP A 376 20.47 -13.40 -36.36
C ASP A 376 20.79 -12.13 -37.16
N SER A 377 21.60 -12.27 -38.20
CA SER A 377 22.03 -11.09 -38.94
C SER A 377 20.96 -10.58 -39.91
N LYS A 378 19.94 -11.38 -40.20
CA LYS A 378 18.88 -10.97 -41.13
C LYS A 378 17.56 -10.69 -40.45
N TYR A 379 17.18 -11.47 -39.44
CA TYR A 379 15.84 -11.39 -38.88
C TYR A 379 15.88 -11.12 -37.37
N LEU A 380 14.77 -10.56 -36.88
CA LEU A 380 14.44 -10.53 -35.47
C LEU A 380 13.31 -11.50 -35.21
N TYR A 381 13.36 -12.21 -34.07
CA TYR A 381 12.42 -13.27 -33.76
C TYR A 381 11.74 -12.96 -32.43
N MET A 382 10.42 -12.90 -32.43
CA MET A 382 9.63 -12.70 -31.23
C MET A 382 8.91 -14.01 -30.89
N LEU A 383 9.25 -14.60 -29.75
CA LEU A 383 8.70 -15.88 -29.33
C LEU A 383 7.59 -15.64 -28.31
N MET A 384 6.35 -15.91 -28.71
CA MET A 384 5.19 -15.60 -27.89
C MET A 384 4.31 -16.83 -27.74
N GLU A 385 3.27 -16.70 -26.91
CA GLU A 385 2.29 -17.75 -26.73
C GLU A 385 1.44 -17.91 -27.98
N ALA A 386 1.30 -19.16 -28.43
CA ALA A 386 0.42 -19.47 -29.55
C ALA A 386 -1.03 -19.51 -29.10
N CYS A 387 -1.91 -18.88 -29.85
CA CYS A 387 -3.35 -18.93 -29.64
C CYS A 387 -3.97 -19.58 -30.88
N LEU A 388 -4.32 -20.85 -30.76
CA LEU A 388 -4.72 -21.67 -31.89
C LEU A 388 -6.22 -21.64 -32.15
N GLY A 389 -6.96 -20.77 -31.44
CA GLY A 389 -8.40 -20.65 -31.68
C GLY A 389 -8.77 -19.89 -32.93
N GLY A 390 -7.88 -19.02 -33.42
CA GLY A 390 -8.09 -18.35 -34.69
C GLY A 390 -8.12 -16.84 -34.64
N GLU A 391 -7.80 -16.22 -35.77
CA GLU A 391 -7.85 -14.77 -35.90
C GLU A 391 -9.30 -14.31 -35.96
N LEU A 392 -9.64 -13.31 -35.14
CA LEU A 392 -11.03 -12.86 -35.09
C LEU A 392 -11.49 -12.29 -36.42
N TRP A 393 -10.60 -11.69 -37.20
CA TRP A 393 -11.01 -11.15 -38.49
C TRP A 393 -11.45 -12.25 -39.45
N THR A 394 -10.73 -13.37 -39.50
CA THR A 394 -11.16 -14.46 -40.37
C THR A 394 -12.45 -15.09 -39.86
N ILE A 395 -12.64 -15.15 -38.55
CA ILE A 395 -13.89 -15.69 -38.01
C ILE A 395 -15.05 -14.76 -38.37
N LEU A 396 -14.85 -13.44 -38.28
CA LEU A 396 -15.87 -12.51 -38.71
C LEU A 396 -16.13 -12.63 -40.21
N ARG A 397 -15.07 -12.81 -41.00
CA ARG A 397 -15.24 -13.03 -42.43
C ARG A 397 -16.10 -14.26 -42.69
N ASP A 398 -15.80 -15.37 -42.00
CA ASP A 398 -16.50 -16.62 -42.28
C ASP A 398 -17.96 -16.56 -41.83
N ARG A 399 -18.26 -15.81 -40.78
CA ARG A 399 -19.59 -15.75 -40.22
C ARG A 399 -20.39 -14.53 -40.65
N GLY A 400 -19.75 -13.52 -41.22
CA GLY A 400 -20.44 -12.31 -41.62
C GLY A 400 -20.47 -11.27 -40.53
N SER A 401 -21.15 -11.59 -39.43
CA SER A 401 -21.27 -10.65 -38.32
C SER A 401 -21.58 -11.44 -37.05
N PHE A 402 -21.23 -10.86 -35.91
CA PHE A 402 -21.44 -11.48 -34.61
C PHE A 402 -22.72 -10.94 -33.97
N GLU A 403 -23.44 -11.83 -33.28
CA GLU A 403 -24.59 -11.43 -32.48
C GLU A 403 -24.19 -10.36 -31.47
N ASP A 404 -25.21 -9.70 -30.91
CA ASP A 404 -24.98 -8.71 -29.86
C ASP A 404 -24.22 -9.32 -28.69
N SER A 405 -24.65 -10.51 -28.24
CA SER A 405 -24.00 -11.12 -27.08
C SER A 405 -22.61 -11.65 -27.41
N THR A 406 -22.38 -12.09 -28.65
CA THR A 406 -21.05 -12.51 -29.05
C THR A 406 -20.09 -11.33 -29.11
N THR A 407 -20.52 -10.21 -29.70
CA THR A 407 -19.68 -9.03 -29.74
C THR A 407 -19.35 -8.52 -28.35
N ARG A 408 -20.32 -8.62 -27.42
CA ARG A 408 -20.09 -8.17 -26.05
C ARG A 408 -18.95 -8.94 -25.38
N PHE A 409 -18.86 -10.24 -25.64
CA PHE A 409 -17.79 -11.03 -25.03
C PHE A 409 -16.41 -10.57 -25.52
N TYR A 410 -16.24 -10.46 -26.84
CA TYR A 410 -14.94 -10.06 -27.38
C TYR A 410 -14.61 -8.62 -27.01
N THR A 411 -15.60 -7.72 -27.06
CA THR A 411 -15.36 -6.35 -26.66
C THR A 411 -14.91 -6.28 -25.21
N ALA A 412 -15.50 -7.10 -24.35
CA ALA A 412 -15.12 -7.10 -22.93
C ALA A 412 -13.67 -7.51 -22.74
N CYS A 413 -13.18 -8.46 -23.56
CA CYS A 413 -11.79 -8.90 -23.43
C CYS A 413 -10.82 -7.81 -23.80
N VAL A 414 -11.14 -7.05 -24.85
CA VAL A 414 -10.35 -5.86 -25.18
C VAL A 414 -10.39 -4.86 -24.04
N VAL A 415 -11.58 -4.65 -23.45
CA VAL A 415 -11.73 -3.66 -22.38
C VAL A 415 -10.87 -4.03 -21.19
N GLU A 416 -10.85 -5.32 -20.82
CA GLU A 416 -9.96 -5.77 -19.76
C GLU A 416 -8.50 -5.52 -20.12
N ALA A 417 -8.11 -5.84 -21.36
CA ALA A 417 -6.74 -5.57 -21.80
C ALA A 417 -6.42 -4.10 -21.72
N PHE A 418 -7.36 -3.24 -22.14
CA PHE A 418 -7.13 -1.80 -22.07
C PHE A 418 -7.05 -1.33 -20.62
N ALA A 419 -7.84 -1.92 -19.72
CA ALA A 419 -7.76 -1.58 -18.31
C ALA A 419 -6.35 -1.84 -17.77
N TYR A 420 -5.72 -2.92 -18.21
CA TYR A 420 -4.36 -3.23 -17.76
C TYR A 420 -3.35 -2.29 -18.39
N LEU A 421 -3.39 -2.13 -19.71
CA LEU A 421 -2.40 -1.30 -20.41
C LEU A 421 -2.52 0.17 -20.01
N HIS A 422 -3.75 0.71 -20.01
CA HIS A 422 -3.92 2.12 -19.72
C HIS A 422 -3.56 2.45 -18.27
N SER A 423 -3.77 1.51 -17.35
CA SER A 423 -3.37 1.73 -15.97
C SER A 423 -1.86 1.83 -15.81
N LYS A 424 -1.09 1.29 -16.75
CA LYS A 424 0.36 1.41 -16.73
C LYS A 424 0.85 2.49 -17.70
N GLY A 425 -0.06 3.34 -18.18
CA GLY A 425 0.34 4.44 -19.04
C GLY A 425 0.65 4.05 -20.47
N ILE A 426 0.12 2.93 -20.96
CA ILE A 426 0.49 2.38 -22.25
C ILE A 426 -0.69 2.52 -23.20
N ILE A 427 -0.44 3.09 -24.37
CA ILE A 427 -1.42 3.14 -25.44
C ILE A 427 -1.15 2.01 -26.40
N TYR A 428 -2.21 1.37 -26.89
CA TYR A 428 -2.12 0.18 -27.73
C TYR A 428 -1.99 0.53 -29.21
N ARG A 429 -2.93 1.33 -29.73
CA ARG A 429 -2.87 2.06 -30.99
C ARG A 429 -3.03 1.21 -32.24
N ASP A 430 -3.36 -0.08 -32.14
CA ASP A 430 -3.66 -0.84 -33.35
C ASP A 430 -4.77 -1.84 -33.09
N LEU A 431 -5.82 -1.44 -32.39
CA LEU A 431 -6.99 -2.29 -32.26
C LEU A 431 -7.64 -2.49 -33.62
N LYS A 432 -8.02 -3.74 -33.90
CA LYS A 432 -8.68 -4.18 -35.12
C LYS A 432 -8.82 -5.70 -35.03
N PRO A 433 -9.80 -6.30 -35.72
CA PRO A 433 -10.01 -7.74 -35.56
C PRO A 433 -8.82 -8.59 -35.97
N GLU A 434 -7.99 -8.10 -36.90
CA GLU A 434 -6.79 -8.84 -37.28
C GLU A 434 -5.81 -9.01 -36.14
N ASN A 435 -5.95 -8.21 -35.08
CA ASN A 435 -5.03 -8.22 -33.94
C ASN A 435 -5.66 -8.83 -32.70
N LEU A 436 -6.84 -9.44 -32.83
CA LEU A 436 -7.47 -10.20 -31.78
C LEU A 436 -7.44 -11.68 -32.14
N ILE A 437 -6.81 -12.50 -31.30
CA ILE A 437 -6.70 -13.92 -31.56
C ILE A 437 -7.41 -14.67 -30.45
N LEU A 438 -8.08 -15.76 -30.81
CA LEU A 438 -8.69 -16.65 -29.84
C LEU A 438 -7.70 -17.69 -29.37
N ASP A 439 -7.66 -17.93 -28.05
CA ASP A 439 -6.93 -19.07 -27.54
C ASP A 439 -7.78 -20.33 -27.69
N HIS A 440 -7.28 -21.46 -27.20
CA HIS A 440 -7.97 -22.73 -27.40
C HIS A 440 -9.31 -22.79 -26.68
N ARG A 441 -9.51 -21.98 -25.62
CA ARG A 441 -10.80 -21.93 -24.95
C ARG A 441 -11.82 -21.07 -25.68
N GLY A 442 -11.36 -20.16 -26.54
CA GLY A 442 -12.23 -19.18 -27.14
C GLY A 442 -12.15 -17.80 -26.53
N TYR A 443 -11.16 -17.55 -25.67
CA TYR A 443 -10.95 -16.24 -25.06
C TYR A 443 -10.07 -15.39 -25.97
N ALA A 444 -10.44 -14.13 -26.15
CA ALA A 444 -9.73 -13.23 -27.04
C ALA A 444 -8.56 -12.57 -26.34
N LYS A 445 -7.47 -12.38 -27.08
CA LYS A 445 -6.27 -11.74 -26.56
C LYS A 445 -5.72 -10.78 -27.60
N LEU A 446 -5.05 -9.73 -27.13
CA LEU A 446 -4.40 -8.77 -28.04
C LEU A 446 -3.05 -9.31 -28.50
N VAL A 447 -2.81 -9.26 -29.80
CA VAL A 447 -1.47 -9.42 -30.35
C VAL A 447 -1.06 -8.13 -31.04
N ASP A 448 0.18 -8.10 -31.54
CA ASP A 448 0.70 -7.01 -32.34
C ASP A 448 0.75 -5.69 -31.56
N PHE A 449 1.88 -5.47 -30.87
CA PHE A 449 2.11 -4.25 -30.13
C PHE A 449 3.13 -3.37 -30.83
N GLY A 450 3.20 -3.47 -32.16
CA GLY A 450 4.13 -2.67 -32.94
C GLY A 450 3.89 -1.19 -32.86
N PHE A 451 2.67 -0.75 -32.55
CA PHE A 451 2.37 0.66 -32.37
C PHE A 451 2.16 1.01 -30.90
N ALA A 452 2.25 0.05 -30.00
CA ALA A 452 2.07 0.32 -28.59
C ALA A 452 3.24 1.15 -28.05
N LYS A 453 2.93 2.01 -27.08
CA LYS A 453 3.94 2.91 -26.55
C LYS A 453 3.58 3.24 -25.11
N LYS A 454 4.59 3.22 -24.25
CA LYS A 454 4.43 3.65 -22.87
C LYS A 454 4.59 5.17 -22.83
N ILE A 455 3.47 5.87 -22.64
CA ILE A 455 3.47 7.31 -22.54
C ILE A 455 3.14 7.70 -21.11
N GLY A 456 3.35 8.97 -20.79
CA GLY A 456 3.05 9.46 -19.47
C GLY A 456 1.56 9.42 -19.18
N PHE A 457 1.21 9.84 -17.97
CA PHE A 457 -0.15 10.22 -17.65
C PHE A 457 -0.32 11.71 -17.95
N GLY A 458 -1.38 12.06 -18.67
CA GLY A 458 -1.59 13.42 -19.10
C GLY A 458 -0.63 13.95 -20.14
N LYS A 459 0.39 13.18 -20.53
CA LYS A 459 1.25 13.55 -21.64
C LYS A 459 0.70 12.99 -22.95
N LYS A 460 1.25 13.47 -24.06
CA LYS A 460 0.76 13.08 -25.38
C LYS A 460 1.92 12.67 -26.29
N THR A 461 1.60 11.86 -27.30
CA THR A 461 2.55 11.44 -28.31
C THR A 461 1.97 11.80 -29.68
N TRP A 462 2.82 11.77 -30.70
CA TRP A 462 2.48 12.43 -31.97
C TRP A 462 2.61 11.61 -33.24
N PHE A 464 1.85 9.50 -36.27
CA PHE A 464 0.72 9.01 -37.04
C PHE A 464 0.92 7.51 -37.31
N CYS A 465 0.10 6.67 -36.68
CA CYS A 465 0.18 5.25 -36.91
C CYS A 465 -1.20 4.66 -36.66
N GLY A 466 -1.47 3.58 -37.37
CA GLY A 466 -2.54 2.66 -37.03
C GLY A 466 -2.95 1.90 -38.26
N THR A 467 -4.24 1.61 -38.34
CA THR A 467 -4.84 1.03 -39.52
C THR A 467 -5.99 1.93 -39.94
N PRO A 468 -6.05 2.35 -41.22
CA PRO A 468 -6.82 3.56 -41.56
C PRO A 468 -8.23 3.63 -40.97
N GLU A 469 -9.03 2.60 -41.18
CA GLU A 469 -10.42 2.61 -40.70
C GLU A 469 -10.52 2.81 -39.19
N TYR A 470 -9.45 2.55 -38.44
CA TYR A 470 -9.49 2.59 -36.99
C TYR A 470 -8.80 3.80 -36.38
N VAL A 471 -8.21 4.67 -37.20
CA VAL A 471 -7.40 5.77 -36.68
C VAL A 471 -8.30 6.85 -36.08
N ALA A 472 -8.01 7.26 -34.86
CA ALA A 472 -8.74 8.34 -34.21
C ALA A 472 -8.47 9.67 -34.92
N PRO A 473 -9.44 10.58 -34.94
CA PRO A 473 -9.25 11.83 -35.70
C PRO A 473 -8.11 12.69 -35.19
N GLU A 474 -7.82 12.68 -33.88
CA GLU A 474 -6.72 13.49 -33.38
C GLU A 474 -5.36 12.94 -33.81
N ILE A 475 -5.30 11.68 -34.23
CA ILE A 475 -4.08 11.16 -34.84
C ILE A 475 -3.94 11.69 -36.27
N ILE A 476 -5.03 11.66 -37.03
CA ILE A 476 -5.04 12.21 -38.39
C ILE A 476 -4.61 13.68 -38.36
N LEU A 477 -5.18 14.45 -37.44
CA LEU A 477 -4.96 15.89 -37.40
C LEU A 477 -3.63 16.29 -36.77
N ASN A 478 -2.83 15.33 -36.31
CA ASN A 478 -1.53 15.61 -35.69
C ASN A 478 -1.67 16.58 -34.52
N LYS A 479 -2.73 16.40 -33.73
CA LYS A 479 -2.99 17.26 -32.59
C LYS A 479 -2.37 16.75 -31.29
N GLY A 480 -1.77 15.57 -31.32
CA GLY A 480 -1.35 14.91 -30.09
C GLY A 480 -2.40 13.90 -29.71
N HIS A 481 -1.99 12.75 -29.18
CA HIS A 481 -2.96 11.76 -28.75
C HIS A 481 -2.43 11.00 -27.55
N ASP A 482 -3.34 10.31 -26.88
CA ASP A 482 -3.02 9.55 -25.67
C ASP A 482 -3.92 8.31 -25.65
N ILE A 483 -4.07 7.70 -24.48
CA ILE A 483 -4.76 6.43 -24.38
C ILE A 483 -6.22 6.53 -24.84
N SER A 484 -6.79 7.74 -24.85
CA SER A 484 -8.16 7.92 -25.34
C SER A 484 -8.31 7.55 -26.81
N ALA A 485 -7.22 7.57 -27.58
CA ALA A 485 -7.30 7.09 -28.96
C ALA A 485 -7.76 5.64 -29.01
N ASP A 486 -7.40 4.84 -28.00
CA ASP A 486 -7.81 3.43 -27.98
C ASP A 486 -9.31 3.29 -27.82
N TYR A 487 -9.96 4.20 -27.09
CA TYR A 487 -11.41 4.10 -26.91
C TYR A 487 -12.15 4.40 -28.20
N TRP A 488 -11.64 5.35 -28.99
CA TRP A 488 -12.19 5.57 -30.33
C TRP A 488 -12.16 4.28 -31.12
N SER A 489 -11.00 3.61 -31.16
CA SER A 489 -10.87 2.36 -31.89
C SER A 489 -11.82 1.31 -31.36
N LEU A 490 -12.07 1.30 -30.05
CA LEU A 490 -13.00 0.34 -29.47
C LEU A 490 -14.38 0.49 -30.06
N GLY A 491 -14.81 1.74 -30.30
CA GLY A 491 -16.10 1.97 -30.93
C GLY A 491 -16.13 1.47 -32.37
N ILE A 492 -15.04 1.71 -33.11
CA ILE A 492 -14.94 1.16 -34.46
C ILE A 492 -15.05 -0.36 -34.41
N LEU A 493 -14.37 -0.99 -33.45
CA LEU A 493 -14.37 -2.44 -33.36
C LEU A 493 -15.78 -2.99 -33.14
N MET A 494 -16.50 -2.43 -32.16
CA MET A 494 -17.87 -2.85 -31.91
C MET A 494 -18.72 -2.76 -33.18
N TYR A 495 -18.61 -1.64 -33.88
CA TYR A 495 -19.40 -1.43 -35.09
C TYR A 495 -19.07 -2.48 -36.14
N GLU A 496 -17.78 -2.79 -36.31
CA GLU A 496 -17.38 -3.78 -37.31
C GLU A 496 -17.80 -5.19 -36.89
N LEU A 497 -17.58 -5.55 -35.63
CA LEU A 497 -17.98 -6.88 -35.17
C LEU A 497 -19.47 -7.12 -35.37
N LEU A 498 -20.29 -6.10 -35.15
CA LEU A 498 -21.73 -6.24 -35.19
C LEU A 498 -22.30 -6.28 -36.60
N THR A 499 -21.59 -5.71 -37.58
CA THR A 499 -22.12 -5.61 -38.93
C THR A 499 -21.22 -6.21 -40.00
N GLY A 500 -19.95 -6.50 -39.70
CA GLY A 500 -19.04 -7.00 -40.68
C GLY A 500 -18.18 -5.95 -41.36
N SER A 501 -18.49 -4.67 -41.19
CA SER A 501 -17.70 -3.61 -41.79
C SER A 501 -17.61 -2.43 -40.83
N PRO A 502 -16.49 -1.69 -40.86
CA PRO A 502 -16.35 -0.54 -39.97
C PRO A 502 -17.14 0.64 -40.51
N PRO A 503 -17.39 1.66 -39.69
CA PRO A 503 -18.30 2.72 -40.15
C PRO A 503 -17.68 3.67 -41.15
N PHE A 504 -16.38 3.93 -41.05
CA PHE A 504 -15.67 4.84 -41.94
C PHE A 504 -14.77 4.05 -42.88
N SER A 505 -15.01 4.17 -44.18
CA SER A 505 -14.17 3.48 -45.14
C SER A 505 -14.42 4.04 -46.54
N GLY A 506 -13.34 4.24 -47.30
CA GLY A 506 -13.41 4.73 -48.65
C GLY A 506 -12.46 3.99 -49.59
N PRO A 507 -12.54 4.29 -50.88
CA PRO A 507 -11.71 3.57 -51.86
C PRO A 507 -10.22 3.82 -51.75
N ASP A 508 -9.77 4.86 -51.05
CA ASP A 508 -8.36 5.13 -50.86
C ASP A 508 -8.20 5.73 -49.47
N PRO A 509 -6.98 5.71 -48.91
CA PRO A 509 -6.83 6.18 -47.51
C PRO A 509 -7.25 7.62 -47.28
N MET A 510 -6.90 8.55 -48.17
CA MET A 510 -7.26 9.95 -47.95
C MET A 510 -8.77 10.10 -47.83
N LYS A 511 -9.53 9.39 -48.67
CA LYS A 511 -10.99 9.42 -48.54
C LYS A 511 -11.43 8.80 -47.22
N THR A 512 -10.78 7.71 -46.80
CA THR A 512 -11.13 7.10 -45.52
C THR A 512 -10.89 8.07 -44.37
N TYR A 513 -9.76 8.78 -44.39
CA TYR A 513 -9.45 9.74 -43.33
C TYR A 513 -10.44 10.90 -43.33
N ASN A 514 -10.88 11.32 -44.52
CA ASN A 514 -11.81 12.45 -44.61
C ASN A 514 -13.18 12.07 -44.07
N ILE A 515 -13.60 10.82 -44.26
CA ILE A 515 -14.87 10.36 -43.68
C ILE A 515 -14.79 10.35 -42.16
N ILE A 516 -13.65 9.91 -41.61
CA ILE A 516 -13.47 9.89 -40.16
C ILE A 516 -13.59 11.29 -39.59
N LEU A 517 -13.07 12.29 -40.30
CA LEU A 517 -13.12 13.66 -39.81
C LEU A 517 -14.54 14.19 -39.78
N ARG A 518 -15.42 13.66 -40.63
CA ARG A 518 -16.82 14.06 -40.62
C ARG A 518 -17.59 13.47 -39.45
N GLY A 519 -17.04 12.45 -38.78
CA GLY A 519 -17.55 12.03 -37.49
C GLY A 519 -18.58 10.93 -37.57
N ILE A 520 -18.84 10.34 -36.39
CA ILE A 520 -19.69 9.16 -36.28
C ILE A 520 -21.16 9.52 -36.48
N ASP A 521 -21.56 10.75 -36.17
CA ASP A 521 -22.95 11.15 -36.28
C ASP A 521 -23.40 11.37 -37.73
N MET A 522 -22.46 11.42 -38.67
CA MET A 522 -22.80 11.49 -40.09
C MET A 522 -22.99 10.12 -40.72
N ILE A 523 -22.88 9.05 -39.92
CA ILE A 523 -23.05 7.68 -40.39
C ILE A 523 -24.44 7.19 -40.01
N GLU A 524 -25.16 6.65 -40.98
CA GLU A 524 -26.45 6.01 -40.72
C GLU A 524 -26.20 4.61 -40.18
N PHE A 525 -26.51 4.40 -38.90
CA PHE A 525 -26.27 3.11 -38.28
C PHE A 525 -27.26 2.08 -38.83
N PRO A 526 -26.80 0.89 -39.20
CA PRO A 526 -27.74 -0.18 -39.57
C PRO A 526 -28.65 -0.56 -38.42
N LYS A 527 -29.88 -0.96 -38.76
CA LYS A 527 -30.83 -1.36 -37.73
C LYS A 527 -30.39 -2.61 -36.98
N LYS A 528 -29.43 -3.35 -37.53
CA LYS A 528 -28.83 -4.49 -36.83
C LYS A 528 -28.31 -4.10 -35.46
N ILE A 529 -27.80 -2.89 -35.31
CA ILE A 529 -27.12 -2.48 -34.09
C ILE A 529 -28.16 -2.11 -33.04
N ALA A 530 -28.19 -2.87 -31.95
CA ALA A 530 -29.11 -2.59 -30.85
C ALA A 530 -28.89 -1.19 -30.31
N LYS A 531 -29.95 -0.64 -29.70
CA LYS A 531 -29.91 0.73 -29.22
C LYS A 531 -28.77 0.95 -28.23
N ASN A 532 -28.61 0.02 -27.28
CA ASN A 532 -27.53 0.16 -26.29
C ASN A 532 -26.16 0.10 -26.96
N ALA A 533 -26.00 -0.79 -27.94
CA ALA A 533 -24.73 -0.88 -28.64
C ALA A 533 -24.44 0.41 -29.41
N ALA A 534 -25.43 0.91 -30.16
CA ALA A 534 -25.25 2.17 -30.88
C ALA A 534 -24.90 3.31 -29.92
N ASN A 535 -25.57 3.37 -28.77
CA ASN A 535 -25.27 4.40 -27.78
C ASN A 535 -23.80 4.34 -27.34
N LEU A 536 -23.32 3.14 -27.04
CA LEU A 536 -21.94 3.00 -26.58
C LEU A 536 -20.95 3.37 -27.67
N ILE A 537 -21.21 2.93 -28.89
CA ILE A 537 -20.34 3.28 -30.02
C ILE A 537 -20.22 4.79 -30.14
N LYS A 538 -21.36 5.49 -30.11
CA LYS A 538 -21.34 6.94 -30.26
C LYS A 538 -20.64 7.62 -29.09
N LYS A 539 -20.76 7.07 -27.88
CA LYS A 539 -20.07 7.64 -26.73
C LYS A 539 -18.57 7.35 -26.76
N LEU A 540 -18.15 6.30 -27.48
CA LEU A 540 -16.74 5.98 -27.60
C LEU A 540 -16.07 6.74 -28.74
N CYS A 541 -16.83 7.07 -29.79
CA CYS A 541 -16.27 7.80 -30.91
C CYS A 541 -16.75 9.24 -30.91
N ARG A 542 -16.45 9.97 -29.83
CA ARG A 542 -16.54 11.43 -29.84
C ARG A 542 -15.28 12.03 -30.44
N ASP A 543 -15.46 13.11 -31.20
CA ASP A 543 -14.32 13.79 -31.81
C ASP A 543 -13.33 14.26 -30.75
N ASN A 544 -13.82 14.89 -29.69
CA ASN A 544 -12.94 15.41 -28.65
C ASN A 544 -12.51 14.27 -27.73
N PRO A 545 -11.21 13.96 -27.66
CA PRO A 545 -10.79 12.85 -26.79
C PRO A 545 -11.20 13.01 -25.34
N SER A 546 -11.45 14.24 -24.88
CA SER A 546 -11.85 14.43 -23.49
C SER A 546 -13.32 14.12 -23.25
N GLU A 547 -14.12 14.01 -24.30
CA GLU A 547 -15.53 13.65 -24.18
C GLU A 547 -15.77 12.15 -24.26
N ARG A 548 -14.75 11.35 -24.56
CA ARG A 548 -14.97 9.95 -24.87
C ARG A 548 -15.09 9.15 -23.58
N LEU A 549 -16.10 8.26 -23.55
CA LEU A 549 -16.24 7.34 -22.43
C LEU A 549 -14.99 6.51 -22.27
N GLY A 550 -14.46 6.47 -21.03
CA GLY A 550 -13.21 5.84 -20.72
C GLY A 550 -12.10 6.82 -20.38
N ASN A 551 -12.18 8.05 -20.89
CA ASN A 551 -11.18 9.07 -20.64
C ASN A 551 -11.59 10.04 -19.53
N LEU A 552 -12.63 9.71 -18.79
CA LEU A 552 -13.14 10.58 -17.75
C LEU A 552 -12.56 10.15 -16.40
N LYS A 553 -13.13 10.68 -15.32
CA LYS A 553 -12.59 10.45 -13.98
C LYS A 553 -12.44 8.96 -13.67
N ASN A 554 -13.48 8.18 -13.93
CA ASN A 554 -13.48 6.77 -13.57
C ASN A 554 -12.74 5.89 -14.56
N GLY A 555 -12.18 6.46 -15.63
CA GLY A 555 -11.41 5.65 -16.56
C GLY A 555 -12.27 4.58 -17.21
N VAL A 556 -11.66 3.41 -17.41
CA VAL A 556 -12.31 2.30 -18.10
C VAL A 556 -13.53 1.79 -17.35
N LYS A 557 -13.60 2.00 -16.03
CA LYS A 557 -14.75 1.53 -15.25
C LYS A 557 -16.07 2.12 -15.76
N ASP A 558 -16.02 3.30 -16.38
CA ASP A 558 -17.24 3.86 -16.96
C ASP A 558 -17.73 3.05 -18.15
N ILE A 559 -16.81 2.48 -18.94
CA ILE A 559 -17.22 1.64 -20.05
C ILE A 559 -17.85 0.35 -19.54
N GLN A 560 -17.27 -0.24 -18.50
CA GLN A 560 -17.82 -1.45 -17.90
C GLN A 560 -19.17 -1.22 -17.24
N LYS A 561 -19.55 0.04 -17.06
CA LYS A 561 -20.77 0.47 -16.39
C LYS A 561 -21.90 0.78 -17.35
N HIS A 562 -21.63 0.80 -18.65
CA HIS A 562 -22.61 1.21 -19.65
C HIS A 562 -23.77 0.23 -19.71
N LYS A 563 -24.94 0.75 -20.11
CA LYS A 563 -26.14 -0.07 -20.28
C LYS A 563 -25.86 -1.33 -21.08
N TRP A 564 -25.01 -1.24 -22.10
CA TRP A 564 -24.76 -2.40 -22.95
C TRP A 564 -24.06 -3.51 -22.18
N PHE A 565 -23.16 -3.14 -21.26
CA PHE A 565 -22.47 -4.10 -20.43
C PHE A 565 -23.22 -4.40 -19.14
N GLU A 566 -24.47 -3.96 -19.02
CA GLU A 566 -25.26 -4.24 -17.83
C GLU A 566 -25.86 -5.63 -17.95
N GLY A 567 -25.59 -6.47 -16.97
CA GLY A 567 -25.88 -7.89 -17.05
C GLY A 567 -24.67 -8.75 -17.37
N PHE A 568 -23.59 -8.14 -17.86
CA PHE A 568 -22.45 -8.93 -18.30
C PHE A 568 -21.68 -9.48 -17.12
N ASN A 569 -21.21 -10.72 -17.27
CA ASN A 569 -20.51 -11.43 -16.20
C ASN A 569 -19.02 -11.08 -16.27
N TRP A 570 -18.70 -9.88 -15.78
CA TRP A 570 -17.32 -9.40 -15.82
C TRP A 570 -16.36 -10.29 -15.02
N GLU A 571 -16.77 -10.73 -13.82
CA GLU A 571 -15.86 -11.49 -12.99
C GLU A 571 -15.76 -12.95 -13.44
N GLY A 572 -16.82 -13.46 -14.06
CA GLY A 572 -16.72 -14.75 -14.70
C GLY A 572 -15.75 -14.73 -15.87
N LEU A 573 -15.75 -13.62 -16.62
CA LEU A 573 -14.75 -13.43 -17.66
C LEU A 573 -13.35 -13.32 -17.07
N ARG A 574 -13.19 -12.50 -16.02
CA ARG A 574 -11.88 -12.32 -15.42
C ARG A 574 -11.36 -13.62 -14.81
N LYS A 575 -12.25 -14.40 -14.21
CA LYS A 575 -11.88 -15.67 -13.62
C LYS A 575 -11.89 -16.81 -14.63
N GLY A 576 -12.21 -16.53 -15.89
CA GLY A 576 -12.19 -17.58 -16.90
C GLY A 576 -13.27 -18.62 -16.74
N THR A 577 -14.31 -18.35 -15.95
CA THR A 577 -15.42 -19.26 -15.80
C THR A 577 -16.55 -18.99 -16.78
N LEU A 578 -16.50 -17.87 -17.50
CA LEU A 578 -17.54 -17.51 -18.45
C LEU A 578 -17.38 -18.32 -19.73
N THR A 579 -18.46 -18.94 -20.17
CA THR A 579 -18.41 -19.75 -21.38
C THR A 579 -18.31 -18.84 -22.60
N PRO A 580 -17.28 -18.97 -23.43
CA PRO A 580 -17.14 -18.10 -24.60
C PRO A 580 -18.21 -18.40 -25.65
N PRO A 581 -18.49 -17.46 -26.55
CA PRO A 581 -19.57 -17.70 -27.53
C PRO A 581 -19.19 -18.68 -28.62
N ILE A 582 -17.91 -18.95 -28.84
CA ILE A 582 -17.45 -19.81 -29.90
C ILE A 582 -16.31 -20.67 -29.35
N ILE A 583 -16.53 -21.99 -29.29
CA ILE A 583 -15.54 -22.91 -28.77
C ILE A 583 -14.70 -23.42 -29.95
N PRO A 584 -13.41 -23.12 -29.99
CA PRO A 584 -12.58 -23.60 -31.11
C PRO A 584 -12.24 -25.08 -31.00
N SER A 585 -12.21 -25.74 -32.15
CA SER A 585 -11.67 -27.09 -32.24
C SER A 585 -10.16 -26.99 -32.38
N VAL A 586 -9.43 -27.41 -31.34
CA VAL A 586 -7.97 -27.54 -31.40
C VAL A 586 -7.62 -28.94 -30.94
N ALA A 587 -7.15 -29.78 -31.87
CA ALA A 587 -6.90 -31.18 -31.55
C ALA A 587 -5.56 -31.38 -30.87
N SER A 588 -4.57 -30.55 -31.20
CA SER A 588 -3.20 -30.76 -30.74
C SER A 588 -2.50 -29.41 -30.73
N PRO A 589 -1.35 -29.29 -30.07
CA PRO A 589 -0.56 -28.07 -30.20
C PRO A 589 -0.08 -27.80 -31.62
N THR A 590 -0.21 -28.76 -32.54
CA THR A 590 0.14 -28.57 -33.94
C THR A 590 -1.05 -28.17 -34.81
N ASP A 591 -2.26 -28.13 -34.26
CA ASP A 591 -3.47 -27.96 -35.05
C ASP A 591 -3.63 -26.49 -35.44
N THR A 592 -3.46 -26.19 -36.73
CA THR A 592 -3.68 -24.86 -37.27
C THR A 592 -4.95 -24.77 -38.12
N SER A 593 -5.87 -25.74 -37.96
CA SER A 593 -7.11 -25.74 -38.72
C SER A 593 -7.87 -24.42 -38.64
N ASN A 594 -7.81 -23.74 -37.49
CA ASN A 594 -8.57 -22.50 -37.33
C ASN A 594 -7.91 -21.31 -38.03
N PHE A 595 -6.90 -21.55 -38.85
CA PHE A 595 -6.21 -20.50 -39.59
C PHE A 595 -6.23 -20.81 -41.09
N ASP A 596 -6.23 -19.74 -41.89
CA ASP A 596 -6.07 -19.87 -43.33
C ASP A 596 -4.74 -20.54 -43.66
N SER A 597 -4.65 -21.03 -44.90
CA SER A 597 -3.38 -21.51 -45.42
C SER A 597 -2.65 -20.34 -46.06
N PHE A 598 -1.34 -20.29 -45.88
CA PHE A 598 -0.55 -19.21 -46.43
C PHE A 598 0.57 -19.78 -47.27
N PRO A 599 0.92 -19.13 -48.37
CA PRO A 599 1.98 -19.66 -49.24
C PRO A 599 3.36 -19.34 -48.69
N GLU A 600 4.35 -20.03 -49.23
CA GLU A 600 5.71 -19.88 -48.74
C GLU A 600 6.28 -18.52 -49.13
N ASP A 601 7.07 -17.94 -48.24
CA ASP A 601 7.75 -16.68 -48.53
C ASP A 601 9.00 -17.04 -49.32
N ASN A 602 8.83 -17.20 -50.62
CA ASN A 602 9.88 -17.72 -51.48
C ASN A 602 10.75 -16.61 -52.06
N ASP A 603 10.74 -15.44 -51.43
CA ASP A 603 11.58 -14.34 -51.88
C ASP A 603 12.99 -14.48 -51.33
N GLU A 604 13.91 -13.72 -51.92
CA GLU A 604 15.30 -13.80 -51.49
C GLU A 604 15.42 -13.21 -50.08
N PRO A 605 16.24 -13.79 -49.22
CA PRO A 605 16.38 -13.28 -47.87
C PRO A 605 16.93 -11.83 -47.93
N PRO A 606 16.59 -11.02 -46.95
CA PRO A 606 17.02 -9.62 -46.98
C PRO A 606 18.52 -9.52 -46.72
N PRO A 607 19.12 -8.35 -46.93
CA PRO A 607 20.55 -8.21 -46.64
C PRO A 607 20.82 -8.36 -45.16
N ASP A 608 22.08 -8.64 -44.85
CA ASP A 608 22.46 -8.77 -43.45
C ASP A 608 22.53 -7.38 -42.82
N ASP A 609 22.33 -7.33 -41.51
CA ASP A 609 22.38 -6.08 -40.76
C ASP A 609 23.06 -6.39 -39.42
N ASN A 610 24.36 -6.16 -39.35
CA ASN A 610 25.10 -6.26 -38.11
C ASN A 610 25.57 -4.88 -37.64
N SER A 611 24.77 -3.86 -37.96
CA SER A 611 25.02 -2.52 -37.44
C SER A 611 25.08 -2.52 -35.92
N GLY A 612 24.16 -3.23 -35.27
CA GLY A 612 24.13 -3.32 -33.82
C GLY A 612 22.96 -2.64 -33.16
N TRP A 613 22.07 -1.99 -33.93
CA TRP A 613 20.91 -1.35 -33.32
C TRP A 613 20.01 -2.34 -32.59
N ASP A 614 20.04 -3.62 -32.98
CA ASP A 614 19.25 -4.64 -32.31
C ASP A 614 20.02 -5.34 -31.19
N ILE A 615 20.97 -4.65 -30.55
CA ILE A 615 21.81 -5.28 -29.53
C ILE A 615 20.96 -5.85 -28.39
N ASP A 616 19.80 -5.26 -28.14
CA ASP A 616 18.95 -5.67 -27.03
C ASP A 616 17.88 -6.67 -27.43
N PHE A 617 18.01 -7.31 -28.59
CA PHE A 617 17.14 -8.43 -28.95
C PHE A 617 17.86 -9.77 -28.80
N THR B 5 -9.32 -8.17 -49.15
CA THR B 5 -9.59 -7.75 -47.78
C THR B 5 -8.41 -8.10 -46.86
N LYS B 6 -8.54 -7.74 -45.58
CA LYS B 6 -7.48 -7.69 -44.57
C LYS B 6 -6.64 -6.43 -44.77
N ARG B 7 -6.56 -5.60 -43.75
CA ARG B 7 -5.98 -4.26 -43.83
C ARG B 7 -4.58 -4.20 -43.23
N GLN B 8 -3.71 -3.44 -43.89
CA GLN B 8 -2.34 -3.27 -43.44
C GLN B 8 -2.21 -2.00 -42.60
N ALA B 9 -1.52 -2.12 -41.46
CA ALA B 9 -1.19 -0.96 -40.65
C ALA B 9 -0.17 -0.07 -41.34
N ILE B 10 -0.20 1.22 -40.99
CA ILE B 10 0.75 2.18 -41.52
C ILE B 10 1.29 3.02 -40.37
N SER B 11 2.46 3.61 -40.59
CA SER B 11 3.06 4.44 -39.55
C SER B 11 4.06 5.40 -40.18
N ALA B 12 4.07 6.64 -39.69
CA ALA B 12 5.12 7.59 -40.02
C ALA B 12 6.33 7.36 -39.12
N GLU B 13 7.37 8.16 -39.31
CA GLU B 13 8.55 8.02 -38.47
C GLU B 13 8.26 8.59 -37.08
N PRO B 14 8.62 7.89 -36.01
CA PRO B 14 8.44 8.44 -34.67
C PRO B 14 9.37 9.63 -34.45
N THR B 15 9.12 10.35 -33.36
CA THR B 15 10.00 11.44 -32.95
C THR B 15 10.37 11.28 -31.48
N ASP B 21 10.10 18.91 -24.52
CA ASP B 21 11.11 18.62 -25.54
C ASP B 21 11.98 19.83 -25.84
N LEU B 22 12.98 19.62 -26.68
CA LEU B 22 13.90 20.67 -27.12
C LEU B 22 13.13 21.81 -27.78
N SER B 23 13.33 23.03 -27.28
CA SER B 23 12.77 24.25 -27.84
C SER B 23 13.64 24.84 -28.94
N HIS B 24 14.79 24.22 -29.23
CA HIS B 24 15.80 24.80 -30.11
C HIS B 24 15.50 24.44 -31.56
N VAL B 25 14.56 25.18 -32.14
CA VAL B 25 14.20 24.99 -33.55
C VAL B 25 13.36 26.15 -34.05
N THR B 26 14.01 27.26 -34.43
CA THR B 26 13.30 28.37 -35.05
C THR B 26 12.83 27.97 -36.44
N LEU B 27 11.53 28.12 -36.69
CA LEU B 27 10.96 27.66 -37.94
C LEU B 27 11.38 28.57 -39.10
N PRO B 28 11.48 28.04 -40.32
CA PRO B 28 11.84 28.87 -41.46
C PRO B 28 10.69 29.76 -41.90
N PHE B 29 11.05 30.92 -42.45
CA PHE B 29 10.07 31.91 -42.89
C PHE B 29 10.39 32.33 -44.31
N TYR B 30 9.41 32.20 -45.20
CA TYR B 30 9.54 32.65 -46.57
C TYR B 30 8.54 33.77 -46.82
N PRO B 31 9.01 34.99 -47.10
CA PRO B 31 8.06 36.11 -47.27
C PRO B 31 7.11 35.87 -48.43
N LYS B 32 5.89 36.34 -48.26
CA LYS B 32 4.86 36.15 -49.29
C LYS B 32 3.95 37.36 -49.33
N SER B 33 3.55 37.74 -50.54
CA SER B 33 2.51 38.74 -50.73
C SER B 33 1.25 38.38 -49.95
N PRO B 34 0.53 39.38 -49.44
CA PRO B 34 -0.82 39.11 -48.91
C PRO B 34 -1.70 38.37 -49.90
N GLN B 35 -1.59 38.68 -51.20
CA GLN B 35 -2.33 37.93 -52.21
C GLN B 35 -1.91 36.47 -52.21
N SER B 36 -0.60 36.20 -52.15
CA SER B 36 -0.15 34.81 -52.18
C SER B 36 -0.45 34.09 -50.86
N LYS B 37 -0.46 34.82 -49.74
CA LYS B 37 -0.81 34.18 -48.48
C LYS B 37 -2.30 33.91 -48.39
N ASP B 38 -3.11 34.76 -49.01
CA ASP B 38 -4.55 34.49 -49.05
C ASP B 38 -4.88 33.38 -50.03
N LEU B 39 -4.10 33.25 -51.11
CA LEU B 39 -4.27 32.13 -52.02
C LEU B 39 -3.98 30.81 -51.34
N ILE B 40 -2.91 30.74 -50.53
CA ILE B 40 -2.58 29.50 -49.86
C ILE B 40 -3.61 29.16 -48.80
N LYS B 41 -4.03 30.15 -48.00
CA LYS B 41 -4.99 29.88 -46.95
C LYS B 41 -6.31 29.40 -47.50
N GLU B 42 -6.79 30.01 -48.59
CA GLU B 42 -8.04 29.57 -49.21
C GLU B 42 -7.92 28.13 -49.70
N ALA B 43 -6.80 27.79 -50.33
CA ALA B 43 -6.60 26.42 -50.79
C ALA B 43 -6.65 25.43 -49.64
N ILE B 44 -6.02 25.78 -48.51
CA ILE B 44 -6.04 24.91 -47.34
C ILE B 44 -7.47 24.73 -46.83
N LEU B 45 -8.20 25.83 -46.68
CA LEU B 45 -9.57 25.78 -46.20
C LEU B 45 -10.53 25.13 -47.21
N ASP B 46 -10.08 24.92 -48.44
CA ASP B 46 -10.87 24.18 -49.43
C ASP B 46 -10.58 22.69 -49.41
N ASN B 47 -9.44 22.27 -48.87
CA ASN B 47 -9.07 20.86 -48.84
C ASN B 47 -9.84 20.15 -47.74
N ASP B 48 -10.43 19.00 -48.07
CA ASP B 48 -11.30 18.30 -47.13
C ASP B 48 -10.56 17.93 -45.84
N PHE B 49 -9.28 17.56 -45.95
CA PHE B 49 -8.52 17.17 -44.77
C PHE B 49 -7.97 18.38 -44.03
N MET B 50 -7.13 19.18 -44.70
CA MET B 50 -6.43 20.26 -44.02
C MET B 50 -7.36 21.37 -43.53
N LYS B 51 -8.57 21.48 -44.08
CA LYS B 51 -9.48 22.50 -43.57
C LYS B 51 -9.90 22.23 -42.13
N ASN B 52 -9.57 21.05 -41.59
CA ASN B 52 -9.92 20.71 -40.22
C ASN B 52 -8.82 21.07 -39.23
N LEU B 53 -7.66 21.53 -39.70
CA LEU B 53 -6.67 22.04 -38.77
C LEU B 53 -7.10 23.42 -38.30
N GLU B 54 -6.60 23.83 -37.15
CA GLU B 54 -7.01 25.11 -36.60
C GLU B 54 -6.17 26.24 -37.20
N LEU B 55 -6.80 27.42 -37.26
CA LEU B 55 -6.33 28.50 -38.11
C LEU B 55 -4.96 29.02 -37.69
N SER B 56 -4.65 28.98 -36.38
CA SER B 56 -3.32 29.37 -35.94
C SER B 56 -2.25 28.53 -36.62
N GLN B 57 -2.44 27.20 -36.62
CA GLN B 57 -1.50 26.31 -37.29
C GLN B 57 -1.50 26.50 -38.80
N ILE B 58 -2.64 26.85 -39.38
CA ILE B 58 -2.70 27.04 -40.83
C ILE B 58 -1.83 28.21 -41.28
N GLN B 59 -1.73 29.26 -40.45
CA GLN B 59 -0.92 30.41 -40.87
C GLN B 59 0.55 30.24 -40.49
N GLU B 60 0.86 29.29 -39.62
CA GLU B 60 2.26 28.89 -39.47
C GLU B 60 2.70 28.04 -40.66
N ILE B 61 1.81 27.17 -41.14
CA ILE B 61 2.09 26.40 -42.35
C ILE B 61 2.25 27.32 -43.55
N VAL B 62 1.32 28.28 -43.71
CA VAL B 62 1.40 29.24 -44.82
C VAL B 62 2.72 29.99 -44.77
N ASP B 63 3.10 30.48 -43.58
CA ASP B 63 4.35 31.21 -43.46
C ASP B 63 5.57 30.30 -43.66
N CYS B 64 5.41 28.99 -43.44
CA CYS B 64 6.55 28.08 -43.48
C CYS B 64 6.72 27.35 -44.81
N MET B 65 5.71 27.29 -45.67
CA MET B 65 5.91 26.62 -46.95
C MET B 65 6.71 27.53 -47.88
N TYR B 66 7.45 26.91 -48.80
CA TYR B 66 8.47 27.58 -49.58
C TYR B 66 8.14 27.58 -51.08
N PRO B 67 8.71 28.53 -51.84
CA PRO B 67 8.42 28.60 -53.27
C PRO B 67 9.22 27.60 -54.10
N VAL B 68 8.57 27.04 -55.11
CA VAL B 68 9.20 26.19 -56.11
C VAL B 68 8.69 26.59 -57.47
N GLU B 69 9.59 26.61 -58.46
CA GLU B 69 9.24 26.93 -59.84
C GLU B 69 9.56 25.73 -60.72
N TYR B 70 8.62 25.37 -61.58
CA TYR B 70 8.84 24.33 -62.57
C TYR B 70 8.68 24.91 -63.97
N GLY B 71 9.45 24.37 -64.91
CA GLY B 71 9.34 24.76 -66.30
C GLY B 71 8.18 24.06 -66.99
N LYS B 72 7.96 24.45 -68.24
CA LYS B 72 7.02 23.76 -69.10
C LYS B 72 7.39 22.28 -69.21
N ASP B 73 6.37 21.42 -69.23
CA ASP B 73 6.53 19.99 -69.52
C ASP B 73 7.45 19.27 -68.54
N SER B 74 7.28 19.54 -67.25
CA SER B 74 8.04 18.81 -66.24
C SER B 74 7.08 18.22 -65.21
N CYS B 75 7.54 17.18 -64.54
CA CYS B 75 6.67 16.41 -63.66
C CYS B 75 6.95 16.83 -62.23
N ILE B 76 5.90 17.23 -61.53
CA ILE B 76 6.06 17.67 -60.16
C ILE B 76 5.98 16.45 -59.27
N ILE B 77 5.18 15.48 -59.71
CA ILE B 77 4.96 14.22 -59.04
C ILE B 77 4.89 13.15 -60.13
N LYS B 78 5.61 12.06 -59.93
CA LYS B 78 5.50 10.91 -60.83
C LYS B 78 4.87 9.75 -60.06
N GLU B 79 3.86 9.12 -60.65
CA GLU B 79 3.24 7.95 -60.05
C GLU B 79 4.31 6.90 -59.73
N GLY B 80 4.21 6.32 -58.54
CA GLY B 80 5.17 5.36 -58.06
C GLY B 80 6.22 5.92 -57.12
N ASP B 81 6.49 7.22 -57.22
CA ASP B 81 7.37 7.87 -56.27
C ASP B 81 6.77 7.81 -54.87
N VAL B 82 7.63 7.94 -53.87
CA VAL B 82 7.16 8.12 -52.50
C VAL B 82 7.07 9.62 -52.24
N GLY B 83 6.01 10.03 -51.54
CA GLY B 83 5.74 11.44 -51.31
C GLY B 83 6.11 11.87 -49.90
N SER B 84 6.57 13.11 -49.79
CA SER B 84 6.73 13.75 -48.49
C SER B 84 6.38 15.24 -48.55
N LEU B 85 5.84 15.71 -49.67
CA LEU B 85 5.50 17.12 -49.86
C LEU B 85 4.03 17.26 -50.22
N VAL B 86 3.45 18.37 -49.77
CA VAL B 86 2.13 18.80 -50.21
C VAL B 86 2.30 20.11 -50.94
N TYR B 87 1.48 20.33 -51.98
CA TYR B 87 1.68 21.45 -52.88
C TYR B 87 0.41 22.28 -53.04
N VAL B 88 0.60 23.56 -53.34
CA VAL B 88 -0.43 24.46 -53.83
C VAL B 88 0.21 25.31 -54.92
N MET B 89 -0.40 25.34 -56.10
CA MET B 89 0.16 26.17 -57.16
C MET B 89 -0.46 27.56 -57.11
N GLU B 90 0.37 28.56 -57.33
CA GLU B 90 -0.14 29.92 -57.40
C GLU B 90 -0.49 30.33 -58.83
N ASP B 91 0.33 29.93 -59.80
CA ASP B 91 0.10 30.23 -61.21
C ASP B 91 0.39 28.99 -62.04
N GLY B 92 -0.28 28.88 -63.19
CA GLY B 92 -0.01 27.81 -64.14
C GLY B 92 -1.15 26.81 -64.23
N LYS B 93 -0.88 25.75 -65.00
CA LYS B 93 -1.83 24.67 -65.23
C LYS B 93 -1.04 23.37 -65.35
N VAL B 94 -1.60 22.29 -64.79
CA VAL B 94 -0.95 20.99 -64.84
C VAL B 94 -1.98 19.95 -65.25
N GLU B 95 -1.50 18.87 -65.85
CA GLU B 95 -2.33 17.74 -66.22
C GLU B 95 -2.01 16.58 -65.30
N VAL B 96 -3.04 15.91 -64.80
CA VAL B 96 -2.87 14.76 -63.92
C VAL B 96 -3.14 13.50 -64.74
N THR B 97 -2.20 12.57 -64.70
CA THR B 97 -2.31 11.34 -65.48
C THR B 97 -2.05 10.14 -64.59
N LYS B 98 -2.65 9.02 -64.98
CA LYS B 98 -2.42 7.74 -64.31
C LYS B 98 -2.32 6.66 -65.39
N GLU B 99 -1.18 5.97 -65.42
CA GLU B 99 -0.93 4.92 -66.42
C GLU B 99 -1.10 5.46 -67.84
N GLY B 100 -0.70 6.72 -68.04
CA GLY B 100 -0.83 7.38 -69.32
C GLY B 100 -2.19 7.99 -69.60
N VAL B 101 -3.24 7.60 -68.87
CA VAL B 101 -4.56 8.16 -69.09
C VAL B 101 -4.66 9.51 -68.39
N LYS B 102 -5.21 10.50 -69.09
CA LYS B 102 -5.37 11.83 -68.53
C LYS B 102 -6.62 11.87 -67.66
N LEU B 103 -6.44 12.18 -66.37
CA LEU B 103 -7.55 12.24 -65.43
C LEU B 103 -8.21 13.61 -65.41
N CYS B 104 -7.42 14.67 -65.26
CA CYS B 104 -7.94 16.03 -65.15
C CYS B 104 -6.80 17.00 -65.40
N THR B 105 -7.16 18.27 -65.52
CA THR B 105 -6.23 19.38 -65.43
C THR B 105 -6.53 20.18 -64.17
N MET B 106 -5.48 20.64 -63.52
CA MET B 106 -5.58 21.31 -62.23
C MET B 106 -4.94 22.69 -62.33
N GLY B 107 -5.62 23.68 -61.76
CA GLY B 107 -5.15 25.04 -61.79
C GLY B 107 -4.68 25.52 -60.43
N PRO B 108 -4.47 26.84 -60.31
CA PRO B 108 -3.99 27.40 -59.05
C PRO B 108 -5.02 27.32 -57.93
N GLY B 109 -4.52 27.32 -56.70
CA GLY B 109 -5.38 27.41 -55.54
C GLY B 109 -5.94 26.11 -55.00
N LYS B 110 -5.38 24.96 -55.38
CA LYS B 110 -5.89 23.67 -54.96
C LYS B 110 -4.79 22.85 -54.32
N VAL B 111 -5.02 22.39 -53.10
CA VAL B 111 -4.06 21.51 -52.42
C VAL B 111 -4.04 20.16 -53.14
N PHE B 112 -2.85 19.57 -53.28
CA PHE B 112 -2.75 18.20 -53.76
C PHE B 112 -1.54 17.54 -53.15
N GLY B 113 -1.60 16.21 -53.07
CA GLY B 113 -0.52 15.42 -52.51
C GLY B 113 -0.49 15.39 -51.00
N GLU B 114 -1.58 15.77 -50.34
CA GLU B 114 -1.55 16.00 -48.90
C GLU B 114 -1.47 14.69 -48.10
N LEU B 115 -1.75 13.54 -48.72
CA LEU B 115 -1.53 12.27 -48.04
C LEU B 115 -0.10 12.13 -47.56
N ALA B 116 0.84 12.81 -48.23
CA ALA B 116 2.26 12.66 -47.92
C ALA B 116 2.70 13.38 -46.65
N ILE B 117 1.85 14.23 -46.06
CA ILE B 117 2.22 14.85 -44.78
C ILE B 117 1.74 14.03 -43.60
N LEU B 118 1.06 12.91 -43.84
CA LEU B 118 0.75 11.95 -42.79
C LEU B 118 1.83 10.88 -42.70
N TYR B 119 2.22 10.31 -43.84
CA TYR B 119 3.25 9.28 -43.90
C TYR B 119 3.76 9.21 -45.34
N ASN B 120 4.84 8.45 -45.53
CA ASN B 120 5.43 8.26 -46.85
C ASN B 120 4.53 7.42 -47.74
N CYS B 121 3.54 8.07 -48.35
CA CYS B 121 2.72 7.39 -49.34
C CYS B 121 3.49 7.26 -50.65
N THR B 122 3.14 6.25 -51.43
CA THR B 122 3.54 6.23 -52.83
C THR B 122 2.53 7.01 -53.67
N ARG B 123 3.04 7.83 -54.59
CA ARG B 123 2.18 8.68 -55.39
C ARG B 123 1.36 7.84 -56.36
N THR B 124 0.06 8.14 -56.41
CA THR B 124 -0.88 7.38 -57.21
C THR B 124 -1.08 7.94 -58.62
N ALA B 125 -0.54 9.12 -58.93
CA ALA B 125 -0.71 9.70 -60.25
C ALA B 125 0.46 10.63 -60.55
N THR B 126 0.58 10.98 -61.82
CA THR B 126 1.64 11.86 -62.30
C THR B 126 1.07 13.24 -62.57
N VAL B 127 1.74 14.27 -62.06
CA VAL B 127 1.38 15.67 -62.24
C VAL B 127 2.46 16.32 -63.08
N LYS B 128 2.12 16.74 -64.30
CA LYS B 128 3.07 17.31 -65.25
C LYS B 128 2.59 18.68 -65.72
N THR B 129 3.50 19.64 -65.79
CA THR B 129 3.15 21.02 -66.09
C THR B 129 2.84 21.21 -67.58
N LEU B 130 1.83 22.02 -67.85
CA LEU B 130 1.52 22.42 -69.22
C LEU B 130 2.15 23.75 -69.58
N VAL B 131 2.62 24.50 -68.59
CA VAL B 131 3.22 25.82 -68.77
C VAL B 131 4.22 26.00 -67.64
N ASN B 132 4.89 27.16 -67.60
CA ASN B 132 5.63 27.53 -66.41
C ASN B 132 4.71 27.54 -65.21
N VAL B 133 5.19 27.04 -64.07
CA VAL B 133 4.35 26.82 -62.91
C VAL B 133 5.08 27.31 -61.66
N LYS B 134 4.38 28.09 -60.85
CA LYS B 134 4.86 28.52 -59.54
C LYS B 134 4.03 27.82 -58.48
N LEU B 135 4.69 27.15 -57.54
CA LEU B 135 4.03 26.44 -56.46
C LEU B 135 4.61 26.86 -55.12
N TRP B 136 3.81 26.63 -54.08
CA TRP B 136 4.28 26.54 -52.71
C TRP B 136 4.25 25.08 -52.26
N ALA B 137 5.19 24.71 -51.42
CA ALA B 137 5.29 23.35 -50.94
C ALA B 137 5.80 23.35 -49.51
N ILE B 138 5.45 22.31 -48.76
CA ILE B 138 5.97 22.12 -47.40
C ILE B 138 6.13 20.63 -47.14
N ASP B 139 7.21 20.30 -46.44
CA ASP B 139 7.59 18.91 -46.17
C ASP B 139 6.86 18.37 -44.95
N ARG B 140 6.63 17.05 -44.94
CA ARG B 140 6.07 16.40 -43.77
C ARG B 140 6.92 16.64 -42.53
N GLN B 141 8.21 16.31 -42.60
CA GLN B 141 9.12 16.47 -41.48
C GLN B 141 9.40 17.95 -41.21
N CYS B 142 8.37 18.77 -41.33
CA CYS B 142 8.41 20.19 -41.03
C CYS B 142 6.98 20.59 -40.69
N PHE B 143 6.03 19.88 -41.29
CA PHE B 143 4.64 19.97 -40.87
C PHE B 143 4.46 19.33 -39.50
N GLN B 144 5.11 18.18 -39.28
CA GLN B 144 5.07 17.53 -37.96
C GLN B 144 5.69 18.43 -36.90
N THR B 145 6.77 19.12 -37.25
CA THR B 145 7.44 19.99 -36.29
C THR B 145 6.55 21.17 -35.91
N ILE B 146 5.84 21.74 -36.88
CA ILE B 146 4.89 22.81 -36.56
C ILE B 146 3.81 22.30 -35.62
N MET B 147 3.16 21.18 -35.99
CA MET B 147 2.05 20.67 -35.20
C MET B 147 2.50 20.31 -33.78
N MET B 148 3.68 19.71 -33.64
CA MET B 148 4.20 19.39 -32.31
C MET B 148 4.53 20.66 -31.53
N ARG B 149 5.33 21.55 -32.12
CA ARG B 149 5.77 22.75 -31.41
C ARG B 149 4.57 23.58 -30.94
N THR B 150 3.71 24.00 -31.87
CA THR B 150 2.54 24.79 -31.51
C THR B 150 1.62 24.01 -30.58
N GLY B 151 1.51 22.70 -30.80
CA GLY B 151 0.67 21.88 -29.95
C GLY B 151 1.16 21.84 -28.52
N LEU B 152 2.47 21.67 -28.32
CA LEU B 152 3.01 21.65 -26.96
C LEU B 152 3.05 23.05 -26.34
N ILE B 153 3.37 24.07 -27.14
CA ILE B 153 3.37 25.43 -26.64
C ILE B 153 1.98 25.83 -26.16
N LYS B 154 0.97 25.65 -27.00
CA LYS B 154 -0.40 25.98 -26.60
C LYS B 154 -0.81 25.22 -25.34
N HIS B 155 -0.45 23.93 -25.26
CA HIS B 155 -0.87 23.11 -24.14
C HIS B 155 -0.26 23.59 -22.82
N THR B 156 1.05 23.79 -22.79
CA THR B 156 1.68 24.21 -21.53
C THR B 156 1.31 25.64 -21.16
N GLU B 157 1.05 26.50 -22.16
CA GLU B 157 0.48 27.81 -21.88
C GLU B 157 -0.88 27.69 -21.22
N TYR B 158 -1.74 26.77 -21.71
CA TYR B 158 -3.08 26.67 -21.16
C TYR B 158 -3.06 26.27 -19.69
N MET B 159 -2.20 25.32 -19.33
CA MET B 159 -2.21 24.81 -17.96
C MET B 159 -1.51 25.76 -17.01
N GLU B 160 -0.66 26.63 -17.53
CA GLU B 160 -0.10 27.70 -16.71
C GLU B 160 -1.13 28.81 -16.50
N PHE B 161 -2.11 28.95 -17.39
CA PHE B 161 -3.25 29.81 -17.12
C PHE B 161 -4.10 29.24 -15.99
N LEU B 162 -4.44 27.96 -16.07
CA LEU B 162 -5.09 27.29 -14.95
C LEU B 162 -4.01 27.11 -13.88
N LYS B 163 -4.34 26.42 -12.78
CA LYS B 163 -3.45 26.31 -11.63
C LYS B 163 -3.21 27.67 -10.98
N SER B 164 -3.18 28.75 -11.77
CA SER B 164 -3.27 30.08 -11.19
C SER B 164 -4.65 30.36 -10.61
N VAL B 165 -5.63 29.50 -10.87
CA VAL B 165 -6.99 29.67 -10.42
C VAL B 165 -7.17 28.88 -9.12
N PRO B 166 -7.62 29.51 -8.03
CA PRO B 166 -7.83 28.75 -6.79
C PRO B 166 -8.77 27.58 -6.95
N THR B 167 -9.86 27.75 -7.72
CA THR B 167 -10.78 26.65 -7.99
C THR B 167 -10.08 25.47 -8.64
N PHE B 168 -8.91 25.68 -9.23
CA PHE B 168 -8.09 24.61 -9.80
C PHE B 168 -6.93 24.37 -8.87
N GLN B 169 -5.67 24.27 -9.34
CA GLN B 169 -4.51 24.16 -8.47
C GLN B 169 -4.53 22.90 -7.60
N SER B 170 -5.65 22.67 -6.90
CA SER B 170 -5.90 21.66 -5.88
C SER B 170 -6.05 20.24 -6.42
N LEU B 171 -5.76 19.91 -7.68
CA LEU B 171 -6.11 18.63 -8.26
C LEU B 171 -4.95 18.16 -9.14
N PRO B 172 -4.85 16.85 -9.39
CA PRO B 172 -3.65 16.31 -10.05
C PRO B 172 -3.40 16.94 -11.42
N GLU B 173 -2.14 16.88 -11.84
CA GLU B 173 -1.78 17.47 -13.13
C GLU B 173 -2.37 16.71 -14.30
N GLU B 174 -2.43 15.38 -14.20
CA GLU B 174 -3.06 14.59 -15.26
C GLU B 174 -4.49 15.03 -15.51
N ILE B 175 -5.18 15.50 -14.47
CA ILE B 175 -6.56 15.98 -14.62
C ILE B 175 -6.57 17.35 -15.30
N LEU B 176 -5.75 18.28 -14.82
CA LEU B 176 -5.75 19.62 -15.42
C LEU B 176 -5.26 19.62 -16.86
N SER B 177 -4.58 18.57 -17.31
CA SER B 177 -4.23 18.51 -18.72
C SER B 177 -5.41 18.01 -19.55
N LYS B 178 -6.34 17.28 -18.93
CA LYS B 178 -7.63 17.05 -19.56
C LYS B 178 -8.45 18.33 -19.58
N LEU B 179 -8.37 19.12 -18.50
CA LEU B 179 -9.07 20.39 -18.44
C LEU B 179 -8.58 21.35 -19.51
N ALA B 180 -7.27 21.38 -19.76
CA ALA B 180 -6.72 22.23 -20.81
C ALA B 180 -7.29 21.85 -22.17
N ASP B 181 -7.59 20.58 -22.40
CA ASP B 181 -8.06 20.13 -23.70
C ASP B 181 -9.55 20.43 -23.96
N VAL B 182 -10.27 20.99 -22.99
CA VAL B 182 -11.68 21.34 -23.17
C VAL B 182 -11.94 22.84 -23.11
N LEU B 183 -10.93 23.66 -22.83
CA LEU B 183 -11.12 25.09 -22.90
C LEU B 183 -11.34 25.54 -24.34
N GLU B 184 -12.33 26.41 -24.55
CA GLU B 184 -12.71 26.86 -25.89
C GLU B 184 -12.28 28.31 -26.04
N GLU B 185 -11.46 28.58 -27.06
CA GLU B 185 -11.07 29.95 -27.36
C GLU B 185 -12.23 30.71 -28.00
N THR B 186 -12.55 31.87 -27.43
CA THR B 186 -13.57 32.74 -28.00
C THR B 186 -12.99 34.14 -28.13
N HIS B 187 -13.18 34.76 -29.28
CA HIS B 187 -12.64 36.07 -29.57
C HIS B 187 -13.74 37.12 -29.51
N TYR B 188 -13.39 38.30 -29.01
CA TYR B 188 -14.32 39.41 -28.93
C TYR B 188 -13.64 40.65 -29.50
N GLU B 189 -14.43 41.47 -30.19
CA GLU B 189 -13.94 42.72 -30.73
C GLU B 189 -14.20 43.86 -29.74
N ASN B 190 -13.64 45.03 -30.03
CA ASN B 190 -13.72 46.15 -29.11
C ASN B 190 -15.16 46.54 -28.85
N GLY B 191 -15.48 46.78 -27.58
CA GLY B 191 -16.82 47.17 -27.18
C GLY B 191 -17.80 46.02 -27.03
N GLU B 192 -17.44 44.83 -27.51
CA GLU B 192 -18.31 43.67 -27.33
C GLU B 192 -18.38 43.30 -25.86
N TYR B 193 -19.60 43.15 -25.35
CA TYR B 193 -19.79 42.67 -23.99
C TYR B 193 -19.54 41.17 -23.96
N ILE B 194 -18.50 40.75 -23.25
CA ILE B 194 -18.29 39.32 -23.05
C ILE B 194 -19.40 38.76 -22.17
N ILE B 195 -19.81 39.53 -21.16
CA ILE B 195 -20.82 39.10 -20.20
C ILE B 195 -21.44 40.37 -19.62
N ARG B 196 -22.69 40.24 -19.14
CA ARG B 196 -23.44 41.39 -18.65
C ARG B 196 -23.88 41.16 -17.22
N GLN B 197 -23.88 42.24 -16.44
CA GLN B 197 -24.31 42.19 -15.04
C GLN B 197 -25.75 41.71 -14.96
N GLY B 198 -26.03 40.84 -13.98
CA GLY B 198 -27.35 40.30 -13.77
C GLY B 198 -27.69 39.08 -14.60
N ALA B 199 -26.91 38.77 -15.63
CA ALA B 199 -27.15 37.57 -16.42
C ALA B 199 -26.85 36.32 -15.59
N ARG B 200 -27.57 35.25 -15.89
CA ARG B 200 -27.27 33.93 -15.35
C ARG B 200 -26.35 33.21 -16.33
N GLY B 201 -25.23 32.73 -15.82
CA GLY B 201 -24.22 32.13 -16.67
C GLY B 201 -23.64 30.87 -16.05
N ASP B 202 -23.21 29.97 -16.92
CA ASP B 202 -22.56 28.73 -16.50
C ASP B 202 -21.10 28.67 -16.93
N THR B 203 -20.51 29.77 -17.40
CA THR B 203 -19.20 29.74 -18.02
C THR B 203 -18.18 30.51 -17.18
N PHE B 204 -16.96 29.99 -17.16
CA PHE B 204 -15.81 30.61 -16.52
C PHE B 204 -14.86 31.08 -17.60
N PHE B 205 -14.26 32.25 -17.40
CA PHE B 205 -13.44 32.89 -18.42
C PHE B 205 -12.03 33.14 -17.91
N ILE B 206 -11.05 32.91 -18.78
CA ILE B 206 -9.66 33.31 -18.54
C ILE B 206 -9.19 34.12 -19.74
N ILE B 207 -8.63 35.29 -19.48
CA ILE B 207 -8.20 36.20 -20.54
C ILE B 207 -6.83 35.78 -21.06
N SER B 208 -6.77 35.42 -22.35
CA SER B 208 -5.50 35.05 -22.96
C SER B 208 -4.89 36.16 -23.81
N LYS B 209 -5.70 37.00 -24.45
CA LYS B 209 -5.19 38.13 -25.21
C LYS B 209 -6.05 39.36 -24.95
N GLY B 210 -5.41 40.51 -24.84
CA GLY B 210 -6.12 41.77 -24.69
C GLY B 210 -6.37 42.07 -23.23
N THR B 211 -7.27 43.03 -23.00
CA THR B 211 -7.75 43.31 -21.66
C THR B 211 -9.15 43.92 -21.75
N VAL B 212 -9.85 43.91 -20.61
CA VAL B 212 -11.27 44.24 -20.56
C VAL B 212 -11.55 45.21 -19.42
N ASN B 213 -12.66 45.93 -19.56
CA ASN B 213 -13.15 46.84 -18.53
C ASN B 213 -14.34 46.20 -17.81
N VAL B 214 -14.31 46.23 -16.48
CA VAL B 214 -15.35 45.66 -15.65
C VAL B 214 -16.17 46.81 -15.08
N THR B 215 -17.38 47.01 -15.60
CA THR B 215 -18.28 48.04 -15.12
C THR B 215 -19.43 47.41 -14.34
N ARG B 216 -20.05 48.23 -13.49
CA ARG B 216 -21.13 47.75 -12.63
C ARG B 216 -21.96 48.93 -12.15
N GLU B 217 -23.27 48.85 -12.36
CA GLU B 217 -24.19 49.79 -11.75
C GLU B 217 -24.54 49.32 -10.35
N ASP B 218 -24.21 50.14 -9.35
CA ASP B 218 -24.61 49.81 -7.99
C ASP B 218 -26.10 49.97 -7.79
N SER B 219 -26.73 50.87 -8.53
CA SER B 219 -28.17 51.04 -8.54
C SER B 219 -28.72 50.63 -9.90
N PRO B 220 -29.99 50.24 -9.98
CA PRO B 220 -30.70 50.38 -11.27
C PRO B 220 -30.87 51.83 -11.68
N SER B 221 -30.90 52.76 -10.71
CA SER B 221 -31.21 54.15 -11.00
C SER B 221 -30.01 54.90 -11.58
N GLU B 222 -28.81 54.60 -11.09
CA GLU B 222 -27.61 55.25 -11.58
C GLU B 222 -27.05 54.42 -12.74
N ASP B 223 -25.80 54.69 -13.14
CA ASP B 223 -25.21 54.12 -14.35
C ASP B 223 -23.96 53.31 -14.02
N PRO B 224 -23.60 52.34 -14.86
CA PRO B 224 -22.47 51.46 -14.54
C PRO B 224 -21.17 52.25 -14.48
N VAL B 225 -20.52 52.20 -13.33
CA VAL B 225 -19.24 52.86 -13.16
C VAL B 225 -18.10 51.90 -13.44
N PHE B 226 -16.98 52.44 -13.90
CA PHE B 226 -15.76 51.66 -14.02
C PHE B 226 -15.36 51.10 -12.66
N LEU B 227 -14.88 49.87 -12.65
CA LEU B 227 -14.41 49.22 -11.43
C LEU B 227 -12.98 48.76 -11.54
N ARG B 228 -12.65 47.97 -12.56
CA ARG B 228 -11.40 47.24 -12.64
C ARG B 228 -11.01 47.14 -14.11
N THR B 229 -9.74 46.82 -14.33
CA THR B 229 -9.27 46.38 -15.63
C THR B 229 -8.55 45.06 -15.44
N LEU B 230 -8.93 44.06 -16.22
CA LEU B 230 -8.35 42.74 -16.14
C LEU B 230 -7.66 42.44 -17.45
N GLY B 231 -6.51 41.76 -17.39
CA GLY B 231 -5.75 41.54 -18.60
C GLY B 231 -5.23 40.12 -18.76
N LYS B 232 -4.24 39.95 -19.63
CA LYS B 232 -3.70 38.62 -19.94
C LYS B 232 -3.32 37.88 -18.67
N GLY B 233 -4.11 36.87 -18.31
CA GLY B 233 -3.91 36.10 -17.09
C GLY B 233 -5.02 36.23 -16.08
N ASP B 234 -5.80 37.31 -16.14
CA ASP B 234 -6.91 37.47 -15.21
C ASP B 234 -8.10 36.63 -15.64
N TRP B 235 -9.00 36.41 -14.68
CA TRP B 235 -10.16 35.56 -14.93
C TRP B 235 -11.39 36.20 -14.31
N PHE B 236 -12.55 35.63 -14.65
CA PHE B 236 -13.81 36.06 -14.09
C PHE B 236 -14.85 34.99 -14.37
N GLY B 237 -15.93 35.06 -13.61
CA GLY B 237 -17.00 34.09 -13.71
C GLY B 237 -16.80 32.84 -12.90
N GLU B 238 -15.74 32.76 -12.10
CA GLU B 238 -15.69 31.70 -11.12
C GLU B 238 -16.83 31.89 -10.14
N LYS B 239 -17.50 30.77 -9.81
CA LYS B 239 -18.72 30.60 -9.04
C LYS B 239 -19.61 29.82 -9.98
N ALA B 240 -19.42 30.06 -11.28
CA ALA B 240 -20.15 29.33 -12.30
C ALA B 240 -19.70 27.88 -12.42
N LEU B 241 -18.48 27.56 -11.98
CA LEU B 241 -18.01 26.19 -12.02
C LEU B 241 -18.47 25.39 -10.81
N GLN B 242 -19.11 26.03 -9.83
CA GLN B 242 -19.77 25.34 -8.73
C GLN B 242 -21.29 25.34 -8.84
N GLY B 243 -21.86 26.28 -9.59
CA GLY B 243 -23.29 26.31 -9.83
C GLY B 243 -23.59 27.53 -10.68
N GLU B 244 -24.87 27.70 -11.00
CA GLU B 244 -25.28 28.87 -11.77
C GLU B 244 -24.81 30.15 -11.09
N ASP B 245 -24.15 31.01 -11.87
CA ASP B 245 -23.60 32.25 -11.39
C ASP B 245 -24.38 33.41 -11.98
N VAL B 246 -24.88 34.29 -11.13
CA VAL B 246 -25.46 35.56 -11.58
C VAL B 246 -24.33 36.57 -11.64
N ARG B 247 -24.08 37.08 -12.84
CA ARG B 247 -22.93 37.94 -13.05
C ARG B 247 -23.07 39.23 -12.26
N THR B 248 -22.02 39.57 -11.51
CA THR B 248 -22.05 40.71 -10.61
C THR B 248 -21.51 41.98 -11.26
N ALA B 249 -21.14 41.93 -12.53
CA ALA B 249 -20.64 43.10 -13.25
C ALA B 249 -20.62 42.79 -14.75
N ASN B 250 -20.61 43.85 -15.55
CA ASN B 250 -20.35 43.72 -16.98
C ASN B 250 -18.85 43.58 -17.22
N VAL B 251 -18.49 42.74 -18.19
CA VAL B 251 -17.13 42.66 -18.69
C VAL B 251 -17.16 42.99 -20.17
N ILE B 252 -16.53 44.11 -20.54
CA ILE B 252 -16.52 44.61 -21.91
C ILE B 252 -15.10 44.53 -22.46
N ALA B 253 -14.98 44.05 -23.70
CA ALA B 253 -13.69 44.04 -24.38
C ALA B 253 -13.21 45.47 -24.63
N ALA B 254 -12.05 45.82 -24.09
CA ALA B 254 -11.44 47.11 -24.35
C ALA B 254 -10.63 47.14 -25.64
N GLU B 255 -10.20 45.97 -26.12
CA GLU B 255 -9.48 45.86 -27.38
C GLU B 255 -9.89 44.54 -28.03
N ALA B 256 -9.11 44.06 -29.00
CA ALA B 256 -9.31 42.73 -29.53
C ALA B 256 -8.90 41.71 -28.47
N VAL B 257 -9.85 40.88 -28.03
CA VAL B 257 -9.66 40.02 -26.87
C VAL B 257 -9.96 38.58 -27.25
N THR B 258 -9.13 37.65 -26.76
CA THR B 258 -9.43 36.23 -26.78
C THR B 258 -9.46 35.72 -25.35
N CYS B 259 -10.47 34.92 -25.01
CA CYS B 259 -10.55 34.27 -23.71
C CYS B 259 -10.72 32.78 -23.85
N LEU B 260 -10.16 32.05 -22.89
CA LEU B 260 -10.41 30.61 -22.77
C LEU B 260 -11.61 30.40 -21.87
N VAL B 261 -12.60 29.68 -22.37
CA VAL B 261 -13.91 29.58 -21.72
C VAL B 261 -14.21 28.12 -21.44
N ILE B 262 -14.79 27.86 -20.27
CA ILE B 262 -15.22 26.52 -19.86
C ILE B 262 -16.51 26.64 -19.09
N ASP B 263 -17.49 25.83 -19.42
CA ASP B 263 -18.77 25.81 -18.72
C ASP B 263 -18.80 24.64 -17.73
N ARG B 264 -19.75 24.72 -16.79
CA ARG B 264 -19.70 23.86 -15.61
C ARG B 264 -19.89 22.39 -15.96
N ASP B 265 -20.72 22.09 -16.97
CA ASP B 265 -21.03 20.68 -17.25
C ASP B 265 -19.80 19.93 -17.76
N SER B 266 -18.99 20.56 -18.62
CA SER B 266 -17.76 19.93 -19.07
C SER B 266 -16.75 19.80 -17.93
N PHE B 267 -16.72 20.80 -17.05
CA PHE B 267 -15.87 20.71 -15.85
C PHE B 267 -16.23 19.50 -15.00
N LYS B 268 -17.51 19.36 -14.65
CA LYS B 268 -17.91 18.30 -13.74
C LYS B 268 -17.70 16.92 -14.36
N HIS B 269 -17.78 16.82 -15.68
CA HIS B 269 -17.65 15.58 -16.41
C HIS B 269 -16.24 15.01 -16.40
N LEU B 270 -15.26 15.75 -15.90
CA LEU B 270 -13.88 15.28 -15.82
C LEU B 270 -13.39 15.06 -14.40
N ILE B 271 -13.81 15.90 -13.47
CA ILE B 271 -13.48 15.75 -12.06
C ILE B 271 -14.39 14.72 -11.42
N GLY B 272 -14.38 14.65 -10.09
CA GLY B 272 -15.33 13.83 -9.36
C GLY B 272 -14.74 13.13 -8.16
N ALA B 287 -7.56 14.65 2.58
CA ALA B 287 -7.00 15.96 2.85
C ALA B 287 -7.56 16.54 4.16
N LYS B 288 -7.33 15.82 5.26
CA LYS B 288 -7.83 16.23 6.58
C LYS B 288 -6.75 17.07 7.27
N ALA B 289 -6.52 18.25 6.69
CA ALA B 289 -5.56 19.25 7.16
C ALA B 289 -5.95 19.83 8.51
N LYS B 290 -6.94 19.26 9.17
CA LYS B 290 -7.37 19.80 10.45
C LYS B 290 -6.53 19.36 11.65
N TYR B 291 -5.63 18.38 11.49
CA TYR B 291 -4.62 18.26 12.54
C TYR B 291 -3.30 18.86 12.11
N GLU B 292 -3.14 19.09 10.81
CA GLU B 292 -2.08 19.99 10.38
C GLU B 292 -2.34 21.38 10.97
N ALA B 293 -3.62 21.72 11.12
CA ALA B 293 -4.04 22.98 11.75
C ALA B 293 -3.88 22.91 13.27
N GLU B 294 -4.70 22.07 13.93
CA GLU B 294 -4.77 22.06 15.39
C GLU B 294 -3.43 21.76 16.06
N ALA B 295 -2.53 21.06 15.38
CA ALA B 295 -1.19 20.87 15.92
C ALA B 295 -0.44 22.19 15.99
N ALA B 296 -0.60 23.04 14.97
CA ALA B 296 0.07 24.33 14.96
C ALA B 296 -0.41 25.20 16.11
N PHE B 297 -1.72 25.22 16.36
CA PHE B 297 -2.28 26.04 17.44
C PHE B 297 -1.58 25.75 18.77
N PHE B 298 -1.38 24.47 19.09
CA PHE B 298 -0.82 24.09 20.37
C PHE B 298 0.65 24.50 20.52
N ALA B 299 1.33 24.87 19.43
CA ALA B 299 2.75 25.16 19.50
C ALA B 299 3.08 26.49 20.19
N ASN B 300 2.32 27.57 19.98
CA ASN B 300 2.68 28.86 20.60
C ASN B 300 2.16 28.97 22.00
N LEU B 301 1.97 27.89 22.71
CA LEU B 301 1.47 28.07 24.05
C LEU B 301 2.65 28.06 25.00
N LYS B 302 2.59 28.92 26.00
CA LYS B 302 3.58 28.88 27.06
C LYS B 302 2.97 28.21 28.28
N LEU B 303 3.84 27.74 29.17
CA LEU B 303 3.39 27.03 30.35
C LEU B 303 2.85 28.02 31.40
N SER B 304 2.31 29.14 30.93
CA SER B 304 1.74 30.15 31.82
C SER B 304 0.50 30.82 31.23
N ASP B 305 -0.06 30.31 30.13
CA ASP B 305 -1.34 30.78 29.62
C ASP B 305 -2.51 30.11 30.33
N PHE B 306 -2.23 29.28 31.33
CA PHE B 306 -3.22 28.46 32.01
C PHE B 306 -3.44 28.93 33.44
N ASN B 307 -4.67 28.70 33.92
CA ASN B 307 -5.00 28.76 35.33
C ASN B 307 -5.24 27.34 35.84
N ILE B 308 -4.84 27.08 37.09
CA ILE B 308 -5.20 25.85 37.79
C ILE B 308 -6.56 26.06 38.47
N ILE B 309 -7.48 25.11 38.30
CA ILE B 309 -8.83 25.25 38.81
C ILE B 309 -9.10 24.28 39.96
N ASP B 310 -8.57 23.06 39.87
CA ASP B 310 -8.66 22.07 40.94
C ASP B 310 -7.71 20.92 40.55
N THR B 311 -7.72 19.86 41.35
CA THR B 311 -6.83 18.72 41.14
C THR B 311 -7.68 17.50 40.85
N LEU B 312 -7.31 16.77 39.79
CA LEU B 312 -8.06 15.58 39.40
C LEU B 312 -7.53 14.31 40.03
N GLY B 313 -6.23 14.23 40.30
CA GLY B 313 -5.67 13.05 40.91
C GLY B 313 -4.24 13.29 41.36
N VAL B 314 -3.77 12.39 42.23
CA VAL B 314 -2.39 12.37 42.69
C VAL B 314 -1.84 10.97 42.46
N GLY B 315 -0.67 10.90 41.82
CA GLY B 315 -0.03 9.63 41.52
C GLY B 315 1.37 9.59 42.11
N GLY B 316 2.04 8.46 41.86
CA GLY B 316 3.40 8.31 42.35
C GLY B 316 4.34 9.38 41.81
N PHE B 317 4.16 9.74 40.53
CA PHE B 317 5.00 10.77 39.94
C PHE B 317 4.61 12.16 40.41
N GLY B 318 3.31 12.48 40.39
CA GLY B 318 2.90 13.86 40.48
C GLY B 318 1.40 14.00 40.44
N ARG B 319 0.96 15.24 40.66
CA ARG B 319 -0.44 15.61 40.58
C ARG B 319 -0.89 15.80 39.15
N VAL B 320 -2.17 15.54 38.90
CA VAL B 320 -2.83 15.85 37.65
C VAL B 320 -3.86 16.93 37.96
N GLU B 321 -3.63 18.14 37.44
CA GLU B 321 -4.48 19.28 37.68
C GLU B 321 -5.32 19.59 36.44
N LEU B 322 -6.55 20.04 36.68
CA LEU B 322 -7.34 20.63 35.61
C LEU B 322 -6.87 22.06 35.38
N VAL B 323 -6.56 22.40 34.13
CA VAL B 323 -6.11 23.74 33.78
C VAL B 323 -6.98 24.30 32.66
N GLN B 324 -7.09 25.63 32.62
CA GLN B 324 -7.99 26.34 31.74
C GLN B 324 -7.25 27.43 31.00
N LEU B 325 -7.50 27.56 29.71
CA LEU B 325 -6.90 28.63 28.93
C LEU B 325 -7.57 29.96 29.28
N LYS B 326 -6.74 30.97 29.54
CA LYS B 326 -7.21 32.27 30.02
C LYS B 326 -8.08 32.99 29.00
N SER B 327 -7.92 32.68 27.73
CA SER B 327 -8.51 33.47 26.65
C SER B 327 -9.84 32.94 26.15
N GLU B 328 -10.21 31.70 26.47
CA GLU B 328 -11.47 31.14 25.99
C GLU B 328 -12.35 30.53 27.07
N GLU B 329 -11.80 30.15 28.22
CA GLU B 329 -12.50 29.52 29.33
C GLU B 329 -13.40 28.34 28.92
N SER B 330 -13.76 28.27 27.64
CA SER B 330 -14.36 27.09 27.07
C SER B 330 -13.39 25.92 27.04
N LYS B 331 -12.09 26.20 27.08
CA LYS B 331 -11.03 25.23 26.75
C LYS B 331 -10.33 24.82 28.03
N THR B 332 -10.61 23.60 28.50
CA THR B 332 -9.99 23.05 29.69
C THR B 332 -9.17 21.82 29.33
N PHE B 333 -8.13 21.56 30.12
CA PHE B 333 -7.23 20.45 29.88
C PHE B 333 -6.78 19.85 31.19
N ALA B 334 -6.40 18.58 31.16
CA ALA B 334 -5.71 17.92 32.26
C ALA B 334 -4.21 18.10 32.10
N MET B 335 -3.54 18.55 33.15
CA MET B 335 -2.08 18.72 33.13
C MET B 335 -1.45 17.87 34.21
N LYS B 336 -0.72 16.83 33.79
CA LYS B 336 0.10 16.03 34.67
C LYS B 336 1.44 16.70 34.92
N ILE B 337 1.80 16.86 36.19
CA ILE B 337 3.03 17.53 36.59
C ILE B 337 3.87 16.55 37.39
N LEU B 338 5.14 16.41 37.01
CA LEU B 338 6.04 15.43 37.60
C LEU B 338 7.28 16.12 38.16
N LYS B 339 7.70 15.72 39.35
CA LYS B 339 8.90 16.26 39.96
C LYS B 339 10.12 15.64 39.28
N LYS B 340 10.91 16.49 38.61
CA LYS B 340 11.92 16.00 37.68
C LYS B 340 12.93 15.08 38.36
N ARG B 341 13.35 15.43 39.58
CA ARG B 341 14.33 14.60 40.27
C ARG B 341 13.70 13.46 41.06
N HIS B 342 12.40 13.56 41.40
CA HIS B 342 11.69 12.37 41.86
C HIS B 342 11.83 11.26 40.85
N ILE B 343 11.80 11.62 39.56
CA ILE B 343 12.00 10.64 38.50
C ILE B 343 13.45 10.17 38.39
N VAL B 344 14.43 11.03 38.67
CA VAL B 344 15.81 10.54 38.53
C VAL B 344 16.18 9.72 39.76
N ASP B 345 15.55 10.03 40.89
CA ASP B 345 15.68 9.22 42.10
C ASP B 345 15.21 7.79 41.86
N THR B 346 14.03 7.64 41.24
CA THR B 346 13.51 6.33 40.91
C THR B 346 14.15 5.70 39.69
N ARG B 347 15.11 6.38 39.05
CA ARG B 347 15.77 5.89 37.84
C ARG B 347 14.73 5.47 36.80
N GLN B 348 13.74 6.34 36.59
CA GLN B 348 12.64 6.08 35.67
C GLN B 348 12.63 7.06 34.50
N GLN B 349 13.76 7.70 34.19
CA GLN B 349 13.80 8.72 33.13
C GLN B 349 13.27 8.17 31.81
N GLU B 350 13.76 6.98 31.42
CA GLU B 350 13.48 6.46 30.09
C GLU B 350 12.06 5.92 29.97
N HIS B 351 11.37 5.71 31.09
CA HIS B 351 9.94 5.43 31.04
C HIS B 351 9.12 6.70 30.78
N ILE B 352 9.47 7.80 31.47
CA ILE B 352 8.82 9.07 31.20
C ILE B 352 9.04 9.51 29.76
N ARG B 353 10.18 9.14 29.18
CA ARG B 353 10.43 9.43 27.77
C ARG B 353 9.43 8.71 26.88
N SER B 354 9.13 7.44 27.19
CA SER B 354 8.17 6.69 26.39
C SER B 354 6.73 7.07 26.69
N GLU B 355 6.42 7.54 27.91
CA GLU B 355 5.10 8.09 28.15
C GLU B 355 4.83 9.26 27.22
N LYS B 356 5.76 10.21 27.16
CA LYS B 356 5.62 11.33 26.24
C LYS B 356 5.53 10.86 24.80
N GLN B 357 6.49 10.02 24.38
CA GLN B 357 6.57 9.63 22.96
C GLN B 357 5.31 8.91 22.51
N ILE B 358 4.85 7.92 23.29
CA ILE B 358 3.75 7.09 22.82
C ILE B 358 2.42 7.78 22.97
N MET B 359 2.22 8.54 24.07
CA MET B 359 0.92 9.17 24.27
C MET B 359 0.71 10.33 23.32
N GLN B 360 1.77 11.07 22.99
CA GLN B 360 1.65 12.15 22.02
C GLN B 360 1.40 11.59 20.62
N GLY B 361 2.00 10.45 20.29
CA GLY B 361 1.85 9.84 18.99
C GLY B 361 0.64 8.98 18.81
N ALA B 362 -0.14 8.74 19.87
CA ALA B 362 -1.32 7.91 19.80
C ALA B 362 -2.52 8.75 19.37
N HIS B 363 -3.28 8.24 18.39
CA HIS B 363 -4.53 8.87 17.96
C HIS B 363 -5.62 7.81 17.96
N SER B 364 -6.28 7.65 19.11
CA SER B 364 -7.37 6.70 19.28
C SER B 364 -8.39 7.31 20.22
N ASP B 365 -9.67 7.16 19.89
CA ASP B 365 -10.74 7.70 20.73
C ASP B 365 -10.77 7.08 22.12
N PHE B 366 -10.11 5.96 22.31
CA PHE B 366 -10.11 5.25 23.59
C PHE B 366 -8.82 5.45 24.35
N ILE B 367 -8.04 6.46 23.98
CA ILE B 367 -6.80 6.82 24.65
C ILE B 367 -6.77 8.34 24.78
N VAL B 368 -6.59 8.84 25.99
CA VAL B 368 -6.49 10.27 26.22
C VAL B 368 -5.37 10.85 25.36
N ARG B 369 -5.69 11.90 24.61
CA ARG B 369 -4.70 12.56 23.77
C ARG B 369 -3.71 13.34 24.61
N LEU B 370 -2.43 13.24 24.26
CA LEU B 370 -1.40 14.10 24.80
C LEU B 370 -1.04 15.12 23.73
N TYR B 371 -1.42 16.37 23.96
CA TYR B 371 -1.27 17.39 22.92
C TYR B 371 0.14 17.96 22.85
N ARG B 372 0.82 18.11 23.98
CA ARG B 372 2.09 18.83 23.97
C ARG B 372 2.77 18.68 25.33
N THR B 373 4.02 19.14 25.39
CA THR B 373 4.88 19.05 26.57
C THR B 373 5.31 20.44 27.01
N PHE B 374 5.47 20.62 28.32
CA PHE B 374 6.17 21.78 28.86
C PHE B 374 7.27 21.31 29.81
N LYS B 375 8.02 22.30 30.30
CA LYS B 375 9.00 22.09 31.36
C LYS B 375 9.64 23.40 31.77
N ASP B 376 9.55 23.74 33.05
CA ASP B 376 10.67 24.46 33.65
C ASP B 376 11.71 23.38 33.94
N SER B 377 12.80 23.72 34.61
CA SER B 377 13.82 22.70 34.81
C SER B 377 13.58 21.88 36.07
N LYS B 378 12.59 22.24 36.89
CA LYS B 378 12.25 21.47 38.08
C LYS B 378 11.14 20.46 37.85
N TYR B 379 10.29 20.67 36.85
CA TYR B 379 9.17 19.79 36.57
C TYR B 379 9.04 19.54 35.07
N LEU B 380 8.36 18.45 34.75
CA LEU B 380 7.82 18.22 33.41
C LEU B 380 6.30 18.35 33.45
N TYR B 381 5.73 18.92 32.40
CA TYR B 381 4.30 19.17 32.32
C TYR B 381 3.75 18.47 31.09
N MET B 382 2.80 17.56 31.29
CA MET B 382 2.12 16.87 30.20
C MET B 382 0.70 17.40 30.11
N LEU B 383 0.39 18.07 29.00
CA LEU B 383 -0.91 18.71 28.80
C LEU B 383 -1.78 17.78 27.96
N MET B 384 -2.85 17.27 28.56
CA MET B 384 -3.66 16.23 27.94
C MET B 384 -5.12 16.66 27.89
N GLU B 385 -5.91 15.82 27.21
CA GLU B 385 -7.35 16.00 27.15
C GLU B 385 -7.96 15.69 28.51
N ALA B 386 -8.79 16.59 29.01
CA ALA B 386 -9.49 16.38 30.28
C ALA B 386 -10.69 15.47 30.08
N CYS B 387 -10.85 14.50 30.97
CA CYS B 387 -12.04 13.66 30.98
C CYS B 387 -12.70 13.83 32.35
N LEU B 388 -13.79 14.58 32.36
CA LEU B 388 -14.44 15.00 33.59
C LEU B 388 -15.49 14.00 34.09
N GLY B 389 -15.62 12.85 33.44
CA GLY B 389 -16.60 11.87 33.89
C GLY B 389 -16.18 11.12 35.14
N GLY B 390 -14.88 11.05 35.41
CA GLY B 390 -14.43 10.47 36.67
C GLY B 390 -13.55 9.26 36.51
N GLU B 391 -12.75 8.98 37.55
CA GLU B 391 -11.90 7.79 37.54
C GLU B 391 -12.76 6.54 37.71
N LEU B 392 -12.53 5.54 36.86
CA LEU B 392 -13.34 4.33 36.91
C LEU B 392 -13.20 3.59 38.23
N TRP B 393 -12.03 3.69 38.88
CA TRP B 393 -11.86 3.06 40.18
C TRP B 393 -12.75 3.71 41.23
N THR B 394 -12.87 5.04 41.20
CA THR B 394 -13.74 5.71 42.16
C THR B 394 -15.20 5.33 41.93
N ILE B 395 -15.60 5.17 40.66
CA ILE B 395 -16.96 4.74 40.36
C ILE B 395 -17.20 3.30 40.82
N LEU B 396 -16.21 2.44 40.60
CA LEU B 396 -16.30 1.06 41.09
C LEU B 396 -16.32 1.03 42.62
N ARG B 397 -15.53 1.90 43.24
CA ARG B 397 -15.54 2.02 44.70
C ARG B 397 -16.93 2.34 45.21
N ASP B 398 -17.59 3.34 44.60
CA ASP B 398 -18.87 3.81 45.10
C ASP B 398 -20.02 2.84 44.80
N ARG B 399 -19.93 2.08 43.71
CA ARG B 399 -21.01 1.17 43.32
C ARG B 399 -20.78 -0.27 43.74
N GLY B 400 -19.58 -0.64 44.14
CA GLY B 400 -19.31 -2.01 44.54
C GLY B 400 -18.84 -2.89 43.39
N SER B 401 -19.70 -3.09 42.40
CA SER B 401 -19.36 -3.91 41.24
C SER B 401 -20.27 -3.52 40.09
N PHE B 402 -19.80 -3.80 38.87
CA PHE B 402 -20.52 -3.48 37.65
C PHE B 402 -21.27 -4.70 37.13
N GLU B 403 -22.47 -4.45 36.55
CA GLU B 403 -23.23 -5.47 35.84
C GLU B 403 -22.41 -6.11 34.72
N ASP B 404 -22.86 -7.25 34.23
CA ASP B 404 -22.19 -7.92 33.11
C ASP B 404 -22.11 -7.02 31.88
N SER B 405 -23.24 -6.39 31.51
CA SER B 405 -23.24 -5.56 30.32
C SER B 405 -22.48 -4.26 30.54
N THR B 406 -22.48 -3.75 31.78
CA THR B 406 -21.70 -2.56 32.08
C THR B 406 -20.22 -2.84 31.97
N THR B 407 -19.78 -3.97 32.53
CA THR B 407 -18.37 -4.36 32.41
C THR B 407 -18.00 -4.64 30.96
N ARG B 408 -18.94 -5.20 30.18
CA ARG B 408 -18.67 -5.46 28.77
C ARG B 408 -18.33 -4.18 28.03
N PHE B 409 -19.00 -3.08 28.37
CA PHE B 409 -18.74 -1.81 27.71
C PHE B 409 -17.32 -1.30 28.00
N TYR B 410 -16.95 -1.24 29.28
CA TYR B 410 -15.63 -0.70 29.62
C TYR B 410 -14.51 -1.59 29.12
N THR B 411 -14.69 -2.92 29.23
CA THR B 411 -13.69 -3.84 28.69
C THR B 411 -13.54 -3.64 27.18
N ALA B 412 -14.66 -3.39 26.49
CA ALA B 412 -14.60 -3.19 25.04
C ALA B 412 -13.76 -1.97 24.67
N CYS B 413 -13.80 -0.90 25.49
CA CYS B 413 -13.00 0.26 25.16
C CYS B 413 -11.52 -0.02 25.37
N VAL B 414 -11.19 -0.78 26.42
CA VAL B 414 -9.81 -1.23 26.61
C VAL B 414 -9.35 -2.05 25.41
N VAL B 415 -10.21 -2.95 24.93
CA VAL B 415 -9.83 -3.82 23.82
C VAL B 415 -9.54 -3.00 22.57
N GLU B 416 -10.36 -1.98 22.30
CA GLU B 416 -10.07 -1.07 21.18
C GLU B 416 -8.73 -0.38 21.37
N ALA B 417 -8.49 0.13 22.58
CA ALA B 417 -7.22 0.78 22.87
C ALA B 417 -6.05 -0.16 22.66
N PHE B 418 -6.18 -1.41 23.14
CA PHE B 418 -5.12 -2.38 22.94
C PHE B 418 -4.97 -2.74 21.47
N ALA B 419 -6.08 -2.79 20.74
CA ALA B 419 -6.00 -3.01 19.30
C ALA B 419 -5.15 -1.95 18.62
N TYR B 420 -5.28 -0.69 19.07
CA TYR B 420 -4.47 0.38 18.50
C TYR B 420 -3.02 0.26 18.93
N LEU B 421 -2.78 0.11 20.24
CA LEU B 421 -1.41 0.07 20.75
C LEU B 421 -0.66 -1.17 20.23
N HIS B 422 -1.28 -2.34 20.35
CA HIS B 422 -0.60 -3.57 19.95
C HIS B 422 -0.36 -3.62 18.45
N SER B 423 -1.27 -3.04 17.67
CA SER B 423 -1.01 -2.97 16.23
C SER B 423 0.19 -2.09 15.93
N LYS B 424 0.58 -1.18 16.84
CA LYS B 424 1.86 -0.49 16.60
C LYS B 424 3.00 -0.99 17.45
N GLY B 425 2.93 -2.20 18.01
CA GLY B 425 4.07 -2.75 18.73
C GLY B 425 4.31 -2.20 20.12
N ILE B 426 3.28 -1.63 20.75
CA ILE B 426 3.43 -0.96 22.03
C ILE B 426 2.69 -1.76 23.08
N ILE B 427 3.36 -2.08 24.17
CA ILE B 427 2.70 -2.71 25.30
C ILE B 427 2.41 -1.64 26.33
N TYR B 428 1.23 -1.72 26.95
CA TYR B 428 0.72 -0.69 27.85
C TYR B 428 1.22 -0.88 29.28
N ARG B 429 1.01 -2.08 29.84
CA ARG B 429 1.67 -2.60 31.05
C ARG B 429 1.17 -2.00 32.37
N ASP B 430 0.12 -1.20 32.37
CA ASP B 430 -0.43 -0.73 33.65
C ASP B 430 -1.95 -0.62 33.59
N LEU B 431 -2.61 -1.61 33.00
CA LEU B 431 -4.07 -1.67 33.06
C LEU B 431 -4.53 -1.91 34.48
N LYS B 432 -5.58 -1.19 34.87
CA LYS B 432 -6.24 -1.25 36.18
C LYS B 432 -7.29 -0.15 36.20
N PRO B 433 -8.32 -0.24 37.07
CA PRO B 433 -9.38 0.78 37.04
C PRO B 433 -8.87 2.18 37.34
N GLU B 434 -7.79 2.33 38.11
CA GLU B 434 -7.24 3.64 38.40
C GLU B 434 -6.74 4.34 37.15
N ASN B 435 -6.51 3.60 36.07
CA ASN B 435 -5.96 4.18 34.84
C ASN B 435 -6.99 4.27 33.74
N LEU B 436 -8.27 4.02 34.04
CA LEU B 436 -9.38 4.18 33.12
C LEU B 436 -10.17 5.40 33.55
N ILE B 437 -10.32 6.36 32.65
CA ILE B 437 -11.06 7.58 32.94
C ILE B 437 -12.25 7.68 31.99
N LEU B 438 -13.39 8.09 32.54
CA LEU B 438 -14.58 8.40 31.77
C LEU B 438 -14.58 9.85 31.33
N ASP B 439 -14.89 10.08 30.05
CA ASP B 439 -15.14 11.43 29.58
C ASP B 439 -16.57 11.84 29.96
N HIS B 440 -16.98 13.03 29.52
CA HIS B 440 -18.30 13.53 29.90
C HIS B 440 -19.44 12.69 29.32
N ARG B 441 -19.20 11.97 28.22
CA ARG B 441 -20.24 11.09 27.69
C ARG B 441 -20.34 9.78 28.46
N GLY B 442 -19.28 9.41 29.19
CA GLY B 442 -19.23 8.12 29.84
C GLY B 442 -18.41 7.08 29.11
N TYR B 443 -17.67 7.48 28.09
CA TYR B 443 -16.79 6.58 27.36
C TYR B 443 -15.45 6.49 28.07
N ALA B 444 -14.94 5.27 28.21
CA ALA B 444 -13.71 5.05 28.94
C ALA B 444 -12.50 5.23 28.05
N LYS B 445 -11.44 5.82 28.60
CA LYS B 445 -10.19 6.05 27.89
C LYS B 445 -9.02 5.69 28.79
N LEU B 446 -7.92 5.28 28.18
CA LEU B 446 -6.70 4.98 28.92
C LEU B 446 -5.95 6.27 29.23
N VAL B 447 -5.53 6.41 30.49
CA VAL B 447 -4.55 7.43 30.87
C VAL B 447 -3.32 6.69 31.38
N ASP B 448 -2.29 7.45 31.76
CA ASP B 448 -1.10 6.90 32.42
C ASP B 448 -0.34 5.91 31.55
N PHE B 449 0.62 6.41 30.77
CA PHE B 449 1.47 5.58 29.94
C PHE B 449 2.90 5.52 30.47
N GLY B 450 3.05 5.66 31.80
CA GLY B 450 4.36 5.62 32.42
C GLY B 450 5.11 4.31 32.26
N PHE B 451 4.38 3.21 32.04
CA PHE B 451 5.01 1.92 31.80
C PHE B 451 4.88 1.46 30.36
N ALA B 452 4.25 2.25 29.49
CA ALA B 452 4.10 1.85 28.10
C ALA B 452 5.45 1.89 27.40
N LYS B 453 5.63 0.99 26.44
CA LYS B 453 6.91 0.86 25.76
C LYS B 453 6.69 0.35 24.35
N LYS B 454 7.36 0.98 23.39
CA LYS B 454 7.36 0.51 22.01
C LYS B 454 8.47 -0.51 21.87
N ILE B 455 8.10 -1.79 21.82
CA ILE B 455 9.05 -2.87 21.63
C ILE B 455 8.80 -3.46 20.25
N GLY B 456 9.74 -4.29 19.80
CA GLY B 456 9.61 -4.90 18.50
C GLY B 456 8.43 -5.84 18.43
N PHE B 457 8.21 -6.37 17.24
CA PHE B 457 7.34 -7.53 17.07
C PHE B 457 8.16 -8.80 17.19
N GLY B 458 7.65 -9.76 17.95
CA GLY B 458 8.40 -10.95 18.26
C GLY B 458 9.57 -10.75 19.20
N LYS B 459 9.89 -9.51 19.57
CA LYS B 459 10.87 -9.23 20.61
C LYS B 459 10.20 -9.18 21.98
N LYS B 460 11.02 -9.17 23.02
CA LYS B 460 10.55 -9.15 24.40
C LYS B 460 11.33 -8.13 25.20
N THR B 461 10.74 -7.69 26.31
CA THR B 461 11.35 -6.74 27.23
C THR B 461 11.35 -7.33 28.64
N TRP B 462 12.11 -6.72 29.53
CA TRP B 462 12.44 -7.37 30.80
C TRP B 462 12.19 -6.59 32.10
N PHE B 464 10.59 -5.38 35.28
CA PHE B 464 9.51 -5.65 36.21
C PHE B 464 8.79 -4.35 36.56
N CYS B 465 7.56 -4.21 36.08
CA CYS B 465 6.75 -3.04 36.36
C CYS B 465 5.28 -3.43 36.31
N GLY B 466 4.48 -2.74 37.10
CA GLY B 466 3.04 -2.71 36.94
C GLY B 466 2.41 -2.32 38.27
N THR B 467 1.24 -2.89 38.52
CA THR B 467 0.58 -2.78 39.81
C THR B 467 0.31 -4.19 40.33
N PRO B 468 0.69 -4.49 41.58
CA PRO B 468 0.88 -5.90 41.98
C PRO B 468 -0.23 -6.85 41.58
N GLU B 469 -1.48 -6.53 41.90
CA GLU B 469 -2.60 -7.43 41.58
C GLU B 469 -2.73 -7.70 40.08
N TYR B 470 -2.14 -6.85 39.23
CA TYR B 470 -2.32 -6.97 37.79
C TYR B 470 -1.10 -7.49 37.05
N VAL B 471 0.01 -7.76 37.74
CA VAL B 471 1.24 -8.11 37.06
C VAL B 471 1.17 -9.53 36.51
N ALA B 472 1.48 -9.68 35.22
CA ALA B 472 1.48 -10.98 34.59
C ALA B 472 2.59 -11.86 35.17
N PRO B 473 2.39 -13.18 35.20
CA PRO B 473 3.41 -14.05 35.84
C PRO B 473 4.75 -14.02 35.14
N GLU B 474 4.80 -13.83 33.82
CA GLU B 474 6.09 -13.79 33.14
C GLU B 474 6.85 -12.51 33.45
N ILE B 475 6.17 -11.49 33.98
CA ILE B 475 6.87 -10.32 34.50
C ILE B 475 7.45 -10.63 35.87
N ILE B 476 6.65 -11.27 36.74
CA ILE B 476 7.14 -11.65 38.06
C ILE B 476 8.38 -12.53 37.95
N LEU B 477 8.33 -13.54 37.08
CA LEU B 477 9.40 -14.51 36.94
C LEU B 477 10.56 -14.01 36.08
N ASN B 478 10.48 -12.78 35.54
CA ASN B 478 11.55 -12.21 34.73
C ASN B 478 11.88 -13.09 33.54
N LYS B 479 10.86 -13.64 32.90
CA LYS B 479 11.06 -14.51 31.74
C LYS B 479 11.13 -13.75 30.43
N GLY B 480 10.89 -12.44 30.46
CA GLY B 480 10.69 -11.68 29.25
C GLY B 480 9.21 -11.55 29.00
N HIS B 481 8.76 -10.40 28.49
CA HIS B 481 7.34 -10.25 28.20
C HIS B 481 7.16 -9.35 26.99
N ASP B 482 5.95 -9.39 26.44
CA ASP B 482 5.57 -8.61 25.29
C ASP B 482 4.10 -8.23 25.47
N ILE B 483 3.46 -7.81 24.39
CA ILE B 483 2.11 -7.25 24.49
C ILE B 483 1.11 -8.26 25.05
N SER B 484 1.43 -9.55 25.01
CA SER B 484 0.56 -10.56 25.61
C SER B 484 0.38 -10.36 27.11
N ALA B 485 1.31 -9.67 27.78
CA ALA B 485 1.10 -9.35 29.19
C ALA B 485 -0.16 -8.50 29.38
N ASP B 486 -0.50 -7.66 28.40
CA ASP B 486 -1.71 -6.83 28.52
C ASP B 486 -2.97 -7.69 28.53
N TYR B 487 -2.96 -8.82 27.83
CA TYR B 487 -4.14 -9.69 27.83
C TYR B 487 -4.34 -10.33 29.19
N TRP B 488 -3.25 -10.69 29.88
CA TRP B 488 -3.38 -11.13 31.26
C TRP B 488 -4.08 -10.05 32.10
N SER B 489 -3.58 -8.82 32.04
CA SER B 489 -4.17 -7.73 32.82
C SER B 489 -5.63 -7.51 32.46
N LEU B 490 -5.97 -7.67 31.17
CA LEU B 490 -7.37 -7.52 30.77
C LEU B 490 -8.26 -8.52 31.50
N GLY B 491 -7.80 -9.76 31.68
CA GLY B 491 -8.58 -10.73 32.42
C GLY B 491 -8.75 -10.37 33.88
N ILE B 492 -7.69 -9.86 34.50
CA ILE B 492 -7.80 -9.34 35.86
C ILE B 492 -8.83 -8.23 35.93
N LEU B 493 -8.81 -7.31 34.95
CA LEU B 493 -9.71 -6.16 34.96
C LEU B 493 -11.17 -6.61 34.97
N MET B 494 -11.53 -7.51 34.04
CA MET B 494 -12.88 -8.04 33.99
C MET B 494 -13.29 -8.61 35.35
N TYR B 495 -12.40 -9.39 35.96
CA TYR B 495 -12.72 -10.02 37.24
C TYR B 495 -12.98 -8.96 38.31
N GLU B 496 -12.16 -7.91 38.36
CA GLU B 496 -12.37 -6.88 39.38
C GLU B 496 -13.63 -6.08 39.11
N LEU B 497 -13.86 -5.68 37.86
CA LEU B 497 -15.06 -4.92 37.53
C LEU B 497 -16.32 -5.69 37.89
N LEU B 498 -16.30 -7.01 37.71
CA LEU B 498 -17.51 -7.82 37.90
C LEU B 498 -17.77 -8.16 39.36
N THR B 499 -16.74 -8.14 40.22
CA THR B 499 -16.86 -8.57 41.60
C THR B 499 -16.43 -7.54 42.62
N GLY B 500 -15.73 -6.48 42.20
CA GLY B 500 -15.23 -5.48 43.11
C GLY B 500 -13.80 -5.68 43.61
N SER B 501 -13.22 -6.86 43.40
CA SER B 501 -11.85 -7.15 43.81
C SER B 501 -11.17 -8.04 42.80
N PRO B 502 -9.86 -7.94 42.66
CA PRO B 502 -9.14 -8.77 41.69
C PRO B 502 -9.00 -10.19 42.19
N PRO B 503 -8.67 -11.16 41.33
CA PRO B 503 -8.70 -12.57 41.76
C PRO B 503 -7.51 -12.95 42.62
N PHE B 504 -6.34 -12.36 42.35
CA PHE B 504 -5.12 -12.64 43.10
C PHE B 504 -4.79 -11.44 43.97
N SER B 505 -4.77 -11.65 45.29
CA SER B 505 -4.40 -10.58 46.21
C SER B 505 -4.12 -11.18 47.58
N GLY B 506 -3.07 -10.64 48.22
CA GLY B 506 -2.67 -11.07 49.55
C GLY B 506 -2.38 -9.85 50.40
N PRO B 507 -2.09 -10.06 51.68
CA PRO B 507 -1.90 -8.90 52.59
C PRO B 507 -0.69 -8.05 52.26
N ASP B 508 0.27 -8.56 51.50
CA ASP B 508 1.45 -7.82 51.12
C ASP B 508 1.90 -8.32 49.76
N PRO B 509 2.74 -7.56 49.04
CA PRO B 509 3.34 -8.11 47.82
C PRO B 509 4.16 -9.32 48.22
N MET B 510 4.45 -10.18 47.25
CA MET B 510 5.14 -11.46 47.43
C MET B 510 4.09 -12.53 47.73
N LYS B 511 3.24 -12.29 48.74
CA LYS B 511 2.05 -13.11 48.91
C LYS B 511 1.13 -12.96 47.71
N THR B 512 0.90 -11.72 47.28
CA THR B 512 0.14 -11.48 46.05
C THR B 512 0.84 -12.09 44.85
N TYR B 513 2.16 -11.90 44.73
CA TYR B 513 2.89 -12.45 43.60
C TYR B 513 2.88 -13.98 43.61
N ASN B 514 2.94 -14.58 44.81
CA ASN B 514 2.94 -16.04 44.89
C ASN B 514 1.58 -16.62 44.52
N ILE B 515 0.49 -15.93 44.88
CA ILE B 515 -0.84 -16.37 44.50
C ILE B 515 -1.00 -16.30 42.98
N ILE B 516 -0.48 -15.23 42.37
CA ILE B 516 -0.53 -15.09 40.93
C ILE B 516 0.17 -16.27 40.26
N LEU B 517 1.29 -16.72 40.84
CA LEU B 517 2.04 -17.81 40.23
C LEU B 517 1.28 -19.12 40.30
N ARG B 518 0.38 -19.28 41.26
CA ARG B 518 -0.44 -20.48 41.35
C ARG B 518 -1.58 -20.50 40.33
N GLY B 519 -1.89 -19.37 39.70
CA GLY B 519 -2.71 -19.34 38.50
C GLY B 519 -4.20 -19.15 38.76
N ILE B 520 -4.90 -18.84 37.66
CA ILE B 520 -6.31 -18.45 37.72
C ILE B 520 -7.20 -19.65 38.02
N ASP B 521 -6.77 -20.85 37.63
CA ASP B 521 -7.59 -22.04 37.83
C ASP B 521 -7.61 -22.50 39.28
N MET B 522 -6.76 -21.95 40.14
CA MET B 522 -6.80 -22.21 41.57
C MET B 522 -7.71 -21.26 42.31
N ILE B 523 -8.37 -20.34 41.62
CA ILE B 523 -9.31 -19.40 42.23
C ILE B 523 -10.72 -19.89 41.99
N GLU B 524 -11.52 -19.97 43.05
CA GLU B 524 -12.93 -20.32 42.90
C GLU B 524 -13.69 -19.08 42.47
N PHE B 525 -14.19 -19.08 41.25
CA PHE B 525 -14.88 -17.93 40.71
C PHE B 525 -16.22 -17.76 41.41
N PRO B 526 -16.58 -16.55 41.83
CA PRO B 526 -17.94 -16.33 42.35
C PRO B 526 -18.98 -16.64 41.27
N LYS B 527 -20.14 -17.11 41.73
CA LYS B 527 -21.23 -17.40 40.79
C LYS B 527 -21.73 -16.14 40.11
N LYS B 528 -21.39 -14.96 40.66
CA LYS B 528 -21.71 -13.69 40.04
C LYS B 528 -21.21 -13.61 38.60
N ILE B 529 -20.07 -14.22 38.31
CA ILE B 529 -19.43 -14.10 37.00
C ILE B 529 -20.10 -15.08 36.04
N ALA B 530 -20.78 -14.55 35.02
CA ALA B 530 -21.44 -15.37 34.01
C ALA B 530 -20.45 -16.31 33.34
N LYS B 531 -20.98 -17.40 32.79
CA LYS B 531 -20.13 -18.44 32.19
C LYS B 531 -19.27 -17.89 31.08
N ASN B 532 -19.86 -17.11 30.16
CA ASN B 532 -19.09 -16.56 29.05
C ASN B 532 -17.98 -15.66 29.55
N ALA B 533 -18.26 -14.82 30.56
CA ALA B 533 -17.24 -13.95 31.11
C ALA B 533 -16.13 -14.75 31.78
N ALA B 534 -16.50 -15.73 32.61
CA ALA B 534 -15.51 -16.59 33.25
C ALA B 534 -14.64 -17.29 32.21
N ASN B 535 -15.26 -17.79 31.14
CA ASN B 535 -14.51 -18.42 30.05
C ASN B 535 -13.47 -17.46 29.48
N LEU B 536 -13.87 -16.22 29.22
CA LEU B 536 -12.94 -15.26 28.65
C LEU B 536 -11.83 -14.90 29.63
N ILE B 537 -12.17 -14.69 30.90
CA ILE B 537 -11.16 -14.38 31.91
C ILE B 537 -10.12 -15.49 31.96
N LYS B 538 -10.58 -16.75 32.03
CA LYS B 538 -9.65 -17.86 32.12
C LYS B 538 -8.83 -18.01 30.83
N LYS B 539 -9.43 -17.67 29.68
CA LYS B 539 -8.68 -17.71 28.43
C LYS B 539 -7.70 -16.57 28.31
N LEU B 540 -7.92 -15.46 29.03
CA LEU B 540 -6.98 -14.34 28.99
C LEU B 540 -5.85 -14.51 29.99
N CYS B 541 -6.11 -15.19 31.10
CA CYS B 541 -5.06 -15.41 32.09
C CYS B 541 -4.57 -16.84 32.04
N ARG B 542 -4.04 -17.26 30.89
CA ARG B 542 -3.23 -18.47 30.82
C ARG B 542 -1.81 -18.15 31.26
N ASP B 543 -1.19 -19.09 31.99
CA ASP B 543 0.19 -18.88 32.41
C ASP B 543 1.10 -18.66 31.21
N ASN B 544 0.98 -19.51 30.20
CA ASN B 544 1.85 -19.42 29.03
C ASN B 544 1.36 -18.30 28.12
N PRO B 545 2.14 -17.24 27.90
CA PRO B 545 1.68 -16.14 27.06
C PRO B 545 1.30 -16.55 25.64
N SER B 546 1.91 -17.61 25.11
CA SER B 546 1.55 -18.06 23.77
C SER B 546 0.19 -18.76 23.71
N GLU B 547 -0.47 -18.95 24.85
CA GLU B 547 -1.78 -19.56 24.92
C GLU B 547 -2.90 -18.55 25.14
N ARG B 548 -2.58 -17.27 25.34
CA ARG B 548 -3.58 -16.30 25.76
C ARG B 548 -4.38 -15.82 24.57
N LEU B 549 -5.71 -15.77 24.73
CA LEU B 549 -6.55 -15.18 23.71
C LEU B 549 -6.12 -13.75 23.45
N GLY B 550 -5.94 -13.41 22.17
CA GLY B 550 -5.39 -12.14 21.75
C GLY B 550 -3.98 -12.24 21.22
N ASN B 551 -3.24 -13.27 21.63
CA ASN B 551 -1.86 -13.48 21.22
C ASN B 551 -1.74 -14.53 20.12
N LEU B 552 -2.84 -14.94 19.52
CA LEU B 552 -2.84 -15.98 18.50
C LEU B 552 -2.79 -15.32 17.11
N LYS B 553 -3.07 -16.11 16.07
CA LYS B 553 -2.93 -15.63 14.70
C LYS B 553 -3.69 -14.32 14.46
N ASN B 554 -4.96 -14.28 14.86
CA ASN B 554 -5.80 -13.12 14.57
C ASN B 554 -5.59 -11.97 15.55
N GLY B 555 -4.69 -12.10 16.52
CA GLY B 555 -4.42 -11.02 17.44
C GLY B 555 -5.62 -10.65 18.28
N VAL B 556 -5.79 -9.35 18.53
CA VAL B 556 -6.85 -8.86 19.39
C VAL B 556 -8.22 -9.18 18.82
N LYS B 557 -8.31 -9.37 17.50
CA LYS B 557 -9.57 -9.70 16.86
C LYS B 557 -10.18 -10.98 17.43
N ASP B 558 -9.35 -11.88 17.97
CA ASP B 558 -9.87 -13.09 18.60
C ASP B 558 -10.67 -12.76 19.85
N ILE B 559 -10.28 -11.73 20.59
CA ILE B 559 -11.02 -11.35 21.79
C ILE B 559 -12.39 -10.80 21.42
N GLN B 560 -12.45 -9.98 20.36
CA GLN B 560 -13.73 -9.43 19.91
C GLN B 560 -14.67 -10.50 19.38
N LYS B 561 -14.18 -11.73 19.20
CA LYS B 561 -14.94 -12.83 18.63
C LYS B 561 -15.55 -13.76 19.68
N HIS B 562 -15.19 -13.57 20.95
CA HIS B 562 -15.58 -14.48 22.02
C HIS B 562 -17.09 -14.47 22.23
N LYS B 563 -17.61 -15.60 22.72
CA LYS B 563 -19.03 -15.71 23.06
C LYS B 563 -19.52 -14.54 23.88
N TRP B 564 -18.66 -14.05 24.80
CA TRP B 564 -19.05 -12.97 25.69
C TRP B 564 -19.30 -11.67 24.93
N PHE B 565 -18.53 -11.40 23.89
CA PHE B 565 -18.70 -10.22 23.06
C PHE B 565 -19.65 -10.45 21.89
N GLU B 566 -20.35 -11.59 21.86
CA GLU B 566 -21.29 -11.85 20.78
C GLU B 566 -22.62 -11.20 21.09
N GLY B 567 -23.09 -10.36 20.16
CA GLY B 567 -24.17 -9.46 20.39
C GLY B 567 -23.75 -8.02 20.62
N PHE B 568 -22.48 -7.81 20.94
CA PHE B 568 -22.00 -6.48 21.30
C PHE B 568 -21.85 -5.59 20.06
N ASN B 569 -22.21 -4.33 20.22
CA ASN B 569 -22.21 -3.35 19.13
C ASN B 569 -20.84 -2.67 19.05
N TRP B 570 -19.87 -3.43 18.52
CA TRP B 570 -18.51 -2.92 18.38
C TRP B 570 -18.45 -1.70 17.48
N GLU B 571 -19.21 -1.71 16.37
CA GLU B 571 -19.11 -0.60 15.42
C GLU B 571 -19.82 0.64 15.93
N GLY B 572 -20.88 0.45 16.72
CA GLY B 572 -21.49 1.59 17.40
C GLY B 572 -20.58 2.18 18.46
N LEU B 573 -19.82 1.34 19.15
CA LEU B 573 -18.87 1.84 20.14
C LEU B 573 -17.80 2.70 19.47
N ARG B 574 -17.22 2.21 18.36
CA ARG B 574 -16.20 2.97 17.67
C ARG B 574 -16.74 4.28 17.12
N LYS B 575 -18.00 4.30 16.68
CA LYS B 575 -18.62 5.51 16.17
C LYS B 575 -19.20 6.41 17.26
N GLY B 576 -19.07 6.02 18.52
CA GLY B 576 -19.58 6.85 19.60
C GLY B 576 -21.08 6.99 19.67
N THR B 577 -21.82 6.11 18.98
CA THR B 577 -23.28 6.10 19.04
C THR B 577 -23.83 5.15 20.09
N LEU B 578 -22.99 4.29 20.68
CA LEU B 578 -23.46 3.38 21.71
C LEU B 578 -23.61 4.12 23.03
N THR B 579 -24.78 3.99 23.66
CA THR B 579 -25.02 4.67 24.92
C THR B 579 -24.26 4.00 26.06
N PRO B 580 -23.43 4.73 26.80
CA PRO B 580 -22.65 4.11 27.88
C PRO B 580 -23.56 3.68 29.01
N PRO B 581 -23.10 2.74 29.85
CA PRO B 581 -23.97 2.25 30.95
C PRO B 581 -24.15 3.26 32.06
N ILE B 582 -23.28 4.27 32.15
CA ILE B 582 -23.29 5.25 33.22
C ILE B 582 -23.02 6.60 32.59
N ILE B 583 -24.02 7.48 32.58
CA ILE B 583 -23.88 8.81 32.00
C ILE B 583 -23.46 9.75 33.14
N PRO B 584 -22.25 10.30 33.10
CA PRO B 584 -21.83 11.23 34.16
C PRO B 584 -22.46 12.60 33.98
N SER B 585 -22.80 13.22 35.11
CA SER B 585 -23.23 14.62 35.13
C SER B 585 -21.98 15.51 35.14
N VAL B 586 -21.73 16.22 34.04
CA VAL B 586 -20.71 17.26 33.97
C VAL B 586 -21.39 18.50 33.42
N ALA B 587 -21.48 19.54 34.26
CA ALA B 587 -22.21 20.75 33.87
C ALA B 587 -21.39 21.68 33.00
N SER B 588 -20.07 21.67 33.15
CA SER B 588 -19.22 22.68 32.53
C SER B 588 -17.84 22.07 32.30
N PRO B 589 -17.01 22.69 31.45
CA PRO B 589 -15.61 22.25 31.33
C PRO B 589 -14.81 22.45 32.61
N THR B 590 -15.30 23.21 33.58
CA THR B 590 -14.63 23.40 34.86
C THR B 590 -15.14 22.46 35.95
N ASP B 591 -16.16 21.64 35.66
CA ASP B 591 -16.84 20.84 36.65
C ASP B 591 -15.98 19.62 36.99
N THR B 592 -15.43 19.59 38.21
CA THR B 592 -14.67 18.45 38.70
C THR B 592 -15.43 17.66 39.76
N SER B 593 -16.76 17.84 39.83
CA SER B 593 -17.57 17.17 40.84
C SER B 593 -17.35 15.66 40.87
N ASN B 594 -17.11 15.04 39.71
CA ASN B 594 -16.98 13.61 39.63
C ASN B 594 -15.62 13.08 40.07
N PHE B 595 -14.80 13.91 40.73
CA PHE B 595 -13.51 13.48 41.22
C PHE B 595 -13.45 13.71 42.72
N ASP B 596 -12.70 12.86 43.41
CA ASP B 596 -12.43 13.14 44.82
C ASP B 596 -11.71 14.48 44.93
N SER B 597 -11.79 15.09 46.10
CA SER B 597 -11.04 16.30 46.34
C SER B 597 -9.68 15.95 46.93
N PHE B 598 -8.66 16.69 46.54
CA PHE B 598 -7.30 16.45 46.96
C PHE B 598 -6.74 17.72 47.57
N PRO B 599 -5.91 17.59 48.61
CA PRO B 599 -5.37 18.77 49.28
C PRO B 599 -4.19 19.36 48.50
N GLU B 600 -3.85 20.59 48.90
CA GLU B 600 -2.81 21.32 48.20
C GLU B 600 -1.43 20.72 48.42
N ASP B 601 -0.59 20.90 47.41
CA ASP B 601 0.76 20.34 47.33
C ASP B 601 1.64 21.23 48.19
N ASN B 602 1.59 21.00 49.51
CA ASN B 602 2.17 21.90 50.50
C ASN B 602 3.58 21.52 50.97
N ASP B 603 4.24 20.53 50.36
CA ASP B 603 5.60 20.22 50.77
C ASP B 603 6.61 21.05 49.97
N GLU B 604 7.87 21.05 50.45
CA GLU B 604 8.89 21.92 49.85
C GLU B 604 9.19 21.50 48.41
N PRO B 605 9.42 22.47 47.52
CA PRO B 605 9.66 22.12 46.11
C PRO B 605 10.91 21.29 45.95
N PRO B 606 10.96 20.42 44.94
CA PRO B 606 12.12 19.55 44.74
C PRO B 606 13.29 20.31 44.15
N PRO B 607 14.49 19.71 44.14
CA PRO B 607 15.63 20.35 43.45
C PRO B 607 15.43 20.37 41.95
N ASP B 608 16.15 21.27 41.29
CA ASP B 608 16.12 21.40 39.84
C ASP B 608 16.98 20.32 39.17
N ASP B 609 16.67 20.04 37.91
CA ASP B 609 17.35 19.00 37.13
C ASP B 609 17.56 19.50 35.70
N ASN B 610 18.78 19.93 35.39
CA ASN B 610 19.17 20.31 34.04
C ASN B 610 20.14 19.29 33.44
N SER B 611 19.93 18.01 33.76
CA SER B 611 20.71 16.92 33.17
C SER B 611 20.66 16.96 31.65
N GLY B 612 19.48 17.16 31.07
CA GLY B 612 19.28 17.19 29.63
C GLY B 612 18.52 15.99 29.09
N TRP B 613 18.21 15.00 29.93
CA TRP B 613 17.40 13.87 29.49
C TRP B 613 16.00 14.31 29.09
N ASP B 614 15.53 15.46 29.60
CA ASP B 614 14.25 16.05 29.27
C ASP B 614 14.34 16.92 28.02
N ILE B 615 15.17 16.48 27.07
CA ILE B 615 15.50 17.28 25.88
C ILE B 615 14.25 17.79 25.18
N ASP B 616 13.17 17.02 25.21
CA ASP B 616 11.95 17.40 24.53
C ASP B 616 10.94 18.06 25.47
N PHE B 617 11.40 18.54 26.63
CA PHE B 617 10.67 19.42 27.56
C PHE B 617 9.16 19.53 27.36
#